data_6NVE
#
_entry.id   6NVE
#
_cell.length_a   53.660
_cell.length_b   104.420
_cell.length_c   153.510
_cell.angle_alpha   90.000
_cell.angle_beta   90.000
_cell.angle_gamma   90.000
#
_symmetry.space_group_name_H-M   'P 21 21 21'
#
loop_
_entity.id
_entity.type
_entity.pdbx_description
1 polymer 'ATP-dependent dethiobiotin synthetase BioD'
2 non-polymer '4-{[(1S,2S)-2-(carboxymethyl)cyclopentyl]methyl}benzoic acid'
3 non-polymer 'SULFATE ION'
4 water water
#
_entity_poly.entity_id   1
_entity_poly.type   'polypeptide(L)'
_entity_poly.pdbx_seq_one_letter_code
;HHHHHHGGTILVVTGTGTGVGKTVVCAALASAARQAGIDVAVCKPVQTGTARGDDDLAEVGRLAGVTQLAGLARYPQPMA
PAAAAEHAGMALPARDQIVRLIADLDRPGRLTLVEGAGGLLVELAEPGVTLRDVAVDVAAAALVVVTADLGTLNHTKLTL
EALAAQQVSCAGLVIGSWPDPPGLVAASNRSALARIAMVRAALPAGAASLDAGDFAAMSAAAFDRNWVAGLVG
;
_entity_poly.pdbx_strand_id   A,B,C,D
#
loop_
_chem_comp.id
_chem_comp.type
_chem_comp.name
_chem_comp.formula
L4M non-polymer '4-{[(1S,2S)-2-(carboxymethyl)cyclopentyl]methyl}benzoic acid' 'C15 H18 O4'
SO4 non-polymer 'SULFATE ION' 'O4 S -2'
#
# COMPACT_ATOMS: atom_id res chain seq x y z
N GLY A 7 -10.24 0.18 -20.83
CA GLY A 7 -9.51 -1.08 -20.86
C GLY A 7 -10.08 -2.08 -19.87
N GLY A 8 -9.42 -3.23 -19.75
CA GLY A 8 -9.81 -4.22 -18.77
C GLY A 8 -8.82 -4.27 -17.63
N THR A 9 -8.53 -5.47 -17.14
CA THR A 9 -7.59 -5.65 -16.06
C THR A 9 -6.30 -6.25 -16.61
N ILE A 10 -5.18 -5.55 -16.37
CA ILE A 10 -3.85 -6.05 -16.70
C ILE A 10 -3.19 -6.46 -15.40
N LEU A 11 -2.74 -7.71 -15.33
CA LEU A 11 -1.95 -8.22 -14.22
C LEU A 11 -0.63 -8.70 -14.77
N VAL A 12 0.47 -8.20 -14.22
CA VAL A 12 1.74 -8.84 -14.51
C VAL A 12 1.89 -10.02 -13.55
N VAL A 13 2.38 -11.13 -14.08
CA VAL A 13 2.63 -12.32 -13.28
C VAL A 13 4.14 -12.42 -13.15
N THR A 14 4.65 -12.10 -11.97
CA THR A 14 6.08 -12.11 -11.73
C THR A 14 6.39 -13.23 -10.72
N GLY A 15 7.64 -13.24 -10.24
CA GLY A 15 8.02 -14.26 -9.29
C GLY A 15 9.16 -13.74 -8.44
N THR A 16 9.43 -14.46 -7.35
CA THR A 16 10.61 -14.13 -6.55
C THR A 16 11.88 -14.46 -7.30
N GLY A 17 11.80 -15.26 -8.35
CA GLY A 17 12.97 -15.55 -9.15
C GLY A 17 12.63 -16.45 -10.30
N THR A 18 13.59 -17.24 -10.73
CA THR A 18 13.44 -18.09 -11.89
C THR A 18 13.00 -19.50 -11.47
N GLY A 19 12.15 -20.13 -12.29
CA GLY A 19 11.79 -21.50 -11.98
C GLY A 19 10.95 -21.65 -10.74
N VAL A 20 10.13 -20.65 -10.42
CA VAL A 20 9.29 -20.70 -9.24
C VAL A 20 7.86 -21.07 -9.57
N GLY A 21 7.53 -21.23 -10.84
CA GLY A 21 6.21 -21.58 -11.29
C GLY A 21 5.40 -20.46 -11.93
N LYS A 22 6.05 -19.38 -12.40
CA LYS A 22 5.31 -18.28 -13.02
C LYS A 22 4.39 -18.77 -14.13
N THR A 23 4.90 -19.62 -15.03
CA THR A 23 4.11 -20.00 -16.19
C THR A 23 2.91 -20.84 -15.79
N VAL A 24 3.13 -21.85 -14.95
CA VAL A 24 2.01 -22.68 -14.50
C VAL A 24 0.99 -21.84 -13.75
N VAL A 25 1.45 -20.85 -12.97
CA VAL A 25 0.51 -19.98 -12.26
C VAL A 25 -0.26 -19.12 -13.24
N CYS A 26 0.43 -18.57 -14.23
CA CYS A 26 -0.25 -17.85 -15.29
C CYS A 26 -1.32 -18.73 -15.94
N ALA A 27 -0.96 -19.98 -16.24
CA ALA A 27 -1.93 -20.90 -16.84
C ALA A 27 -3.08 -21.16 -15.90
N ALA A 28 -2.78 -21.38 -14.62
CA ALA A 28 -3.80 -21.68 -13.63
C ALA A 28 -4.76 -20.52 -13.45
N LEU A 29 -4.24 -19.29 -13.35
CA LEU A 29 -5.14 -18.15 -13.22
C LEU A 29 -5.97 -17.95 -14.47
N ALA A 30 -5.33 -18.05 -15.65
CA ALA A 30 -6.05 -17.96 -16.91
C ALA A 30 -7.21 -18.95 -16.94
N SER A 31 -6.94 -20.18 -16.52
CA SER A 31 -7.96 -21.24 -16.55
C SER A 31 -9.12 -20.90 -15.61
N ALA A 32 -8.80 -20.50 -14.38
CA ALA A 32 -9.85 -20.15 -13.44
C ALA A 32 -10.66 -18.96 -13.94
N ALA A 33 -10.00 -17.99 -14.58
CA ALA A 33 -10.73 -16.83 -15.08
C ALA A 33 -11.59 -17.19 -16.28
N ARG A 34 -11.07 -18.01 -17.20
CA ARG A 34 -11.89 -18.47 -18.31
C ARG A 34 -13.11 -19.22 -17.79
N GLN A 35 -12.95 -20.00 -16.72
CA GLN A 35 -14.07 -20.75 -16.16
C GLN A 35 -15.08 -19.84 -15.50
N ALA A 36 -14.70 -18.61 -15.17
CA ALA A 36 -15.62 -17.58 -14.69
C ALA A 36 -16.27 -16.79 -15.81
N GLY A 37 -16.02 -17.14 -17.07
CA GLY A 37 -16.53 -16.38 -18.18
C GLY A 37 -15.71 -15.17 -18.55
N ILE A 38 -14.53 -15.01 -17.96
CA ILE A 38 -13.68 -13.85 -18.22
C ILE A 38 -12.86 -14.12 -19.48
N ASP A 39 -12.87 -13.19 -20.42
CA ASP A 39 -11.99 -13.28 -21.57
C ASP A 39 -10.55 -13.10 -21.10
N VAL A 40 -9.66 -14.00 -21.48
CA VAL A 40 -8.28 -13.97 -21.03
C VAL A 40 -7.35 -13.84 -22.21
N ALA A 41 -6.40 -12.91 -22.12
CA ALA A 41 -5.25 -12.89 -23.01
C ALA A 41 -3.99 -13.00 -22.17
N VAL A 42 -2.97 -13.64 -22.72
CA VAL A 42 -1.70 -13.79 -22.03
C VAL A 42 -0.60 -13.34 -22.99
N CYS A 43 0.31 -12.54 -22.50
CA CYS A 43 1.41 -12.12 -23.35
C CYS A 43 2.73 -12.28 -22.61
N LYS A 44 3.76 -12.52 -23.40
CA LYS A 44 5.09 -12.91 -22.90
C LYS A 44 6.04 -11.99 -23.66
N PRO A 45 6.33 -10.81 -23.11
CA PRO A 45 7.17 -9.86 -23.85
C PRO A 45 8.51 -10.44 -24.27
N VAL A 46 9.12 -11.22 -23.40
CA VAL A 46 10.44 -11.77 -23.68
C VAL A 46 10.42 -13.24 -23.33
N GLN A 47 10.68 -14.08 -24.33
CA GLN A 47 10.86 -15.51 -24.16
C GLN A 47 12.33 -15.82 -24.47
N THR A 48 13.03 -16.43 -23.52
CA THR A 48 14.34 -16.97 -23.85
C THR A 48 14.25 -18.49 -23.85
N GLY A 49 15.37 -19.14 -24.14
CA GLY A 49 15.40 -20.59 -24.15
C GLY A 49 14.69 -21.28 -25.29
N THR A 50 14.48 -20.59 -26.43
CA THR A 50 13.80 -21.26 -27.53
C THR A 50 14.64 -22.42 -28.07
N ALA A 51 15.97 -22.34 -27.94
CA ALA A 51 16.83 -23.44 -28.37
C ALA A 51 16.68 -24.66 -27.48
N ARG A 52 16.07 -24.49 -26.31
CA ARG A 52 15.71 -25.58 -25.43
C ARG A 52 14.28 -26.02 -25.63
N GLY A 53 13.52 -25.32 -26.46
CA GLY A 53 12.11 -25.57 -26.61
C GLY A 53 11.23 -24.81 -25.63
N ASP A 54 11.79 -23.92 -24.83
CA ASP A 54 10.96 -23.15 -23.90
C ASP A 54 9.97 -22.30 -24.69
N ASP A 55 8.71 -22.39 -24.32
CA ASP A 55 7.70 -21.52 -24.90
C ASP A 55 6.56 -21.44 -23.88
N ASP A 56 6.62 -20.40 -23.04
CA ASP A 56 5.64 -20.27 -21.97
C ASP A 56 4.25 -20.01 -22.52
N LEU A 57 4.13 -19.25 -23.61
CA LEU A 57 2.81 -19.02 -24.20
C LEU A 57 2.19 -20.34 -24.62
N ALA A 58 2.94 -21.16 -25.35
CA ALA A 58 2.42 -22.44 -25.80
C ALA A 58 2.02 -23.30 -24.61
N GLU A 59 2.78 -23.20 -23.52
CA GLU A 59 2.44 -23.98 -22.33
C GLU A 59 1.16 -23.47 -21.70
N VAL A 60 0.98 -22.15 -21.60
CA VAL A 60 -0.28 -21.63 -21.05
C VAL A 60 -1.45 -22.01 -21.96
N GLY A 61 -1.25 -21.93 -23.27
CA GLY A 61 -2.28 -22.35 -24.19
C GLY A 61 -2.63 -23.81 -24.02
N ARG A 62 -1.61 -24.67 -23.98
CA ARG A 62 -1.86 -26.09 -23.78
C ARG A 62 -2.63 -26.34 -22.48
N LEU A 63 -2.16 -25.76 -21.39
CA LEU A 63 -2.70 -26.10 -20.08
C LEU A 63 -4.08 -25.49 -19.87
N ALA A 64 -4.29 -24.26 -20.31
CA ALA A 64 -5.50 -23.52 -19.97
C ALA A 64 -6.42 -23.28 -21.15
N GLY A 65 -6.00 -23.60 -22.37
CA GLY A 65 -6.85 -23.34 -23.51
C GLY A 65 -6.97 -21.89 -23.87
N VAL A 66 -6.09 -21.03 -23.36
CA VAL A 66 -6.04 -19.66 -23.84
C VAL A 66 -5.61 -19.68 -25.30
N THR A 67 -6.33 -18.94 -26.14
CA THR A 67 -5.97 -18.80 -27.54
C THR A 67 -5.35 -17.44 -27.85
N GLN A 68 -5.63 -16.44 -27.03
CA GLN A 68 -5.13 -15.09 -27.24
C GLN A 68 -3.78 -15.01 -26.55
N LEU A 69 -2.72 -15.27 -27.32
CA LEU A 69 -1.36 -15.45 -26.84
C LEU A 69 -0.46 -14.57 -27.67
N ALA A 70 0.20 -13.60 -27.04
CA ALA A 70 0.96 -12.62 -27.79
C ALA A 70 2.39 -12.66 -27.29
N GLY A 71 3.32 -12.92 -28.22
CA GLY A 71 4.73 -12.81 -27.92
C GLY A 71 5.32 -11.57 -28.56
N LEU A 72 6.62 -11.40 -28.36
CA LEU A 72 7.31 -10.23 -28.92
C LEU A 72 8.75 -10.62 -29.22
N ALA A 73 9.59 -10.67 -28.20
CA ALA A 73 11.00 -11.03 -28.37
C ALA A 73 11.20 -12.47 -27.97
N ARG A 74 11.99 -13.19 -28.78
CA ARG A 74 12.33 -14.58 -28.52
C ARG A 74 13.83 -14.76 -28.75
N TYR A 75 14.48 -15.48 -27.83
CA TYR A 75 15.92 -15.67 -27.93
C TYR A 75 16.26 -17.12 -27.68
N PRO A 76 17.25 -17.66 -28.39
CA PRO A 76 17.54 -19.09 -28.26
C PRO A 76 18.02 -19.53 -26.88
N GLN A 77 18.97 -18.80 -26.27
CA GLN A 77 19.63 -19.39 -25.10
C GLN A 77 18.77 -19.26 -23.85
N PRO A 78 18.76 -20.30 -22.98
CA PRO A 78 18.00 -20.26 -21.72
C PRO A 78 18.75 -19.47 -20.65
N MET A 79 18.79 -18.16 -20.84
CA MET A 79 19.47 -17.26 -19.93
C MET A 79 18.57 -16.07 -19.72
N ALA A 80 18.97 -15.21 -18.80
CA ALA A 80 18.24 -13.98 -18.59
C ALA A 80 18.15 -13.23 -19.91
N PRO A 81 17.07 -12.48 -20.15
CA PRO A 81 16.89 -11.82 -21.45
C PRO A 81 18.13 -11.08 -21.95
N ALA A 82 18.76 -10.25 -21.12
CA ALA A 82 19.86 -9.44 -21.62
C ALA A 82 20.98 -10.33 -22.16
N ALA A 83 21.32 -11.38 -21.43
CA ALA A 83 22.38 -12.30 -21.84
C ALA A 83 21.97 -13.12 -23.06
N ALA A 84 20.72 -13.59 -23.09
CA ALA A 84 20.24 -14.34 -24.25
C ALA A 84 20.25 -13.45 -25.49
N ALA A 85 19.78 -12.20 -25.37
CA ALA A 85 19.85 -11.28 -26.49
C ALA A 85 21.28 -11.03 -26.90
N GLU A 86 22.15 -10.73 -25.93
CA GLU A 86 23.57 -10.55 -26.23
C GLU A 86 24.13 -11.75 -26.97
N HIS A 87 23.84 -12.96 -26.47
CA HIS A 87 24.34 -14.17 -27.10
C HIS A 87 23.84 -14.29 -28.53
N ALA A 88 22.61 -13.87 -28.78
CA ALA A 88 22.01 -13.93 -30.10
C ALA A 88 22.43 -12.78 -31.01
N GLY A 89 23.25 -11.85 -30.51
CA GLY A 89 23.55 -10.66 -31.30
C GLY A 89 22.34 -9.82 -31.62
N MET A 90 21.33 -9.83 -30.74
CA MET A 90 20.09 -9.10 -30.94
C MET A 90 19.93 -8.08 -29.83
N ALA A 91 19.04 -7.12 -30.07
CA ALA A 91 18.67 -6.17 -29.04
C ALA A 91 17.45 -6.69 -28.28
N LEU A 92 17.35 -6.28 -27.02
CA LEU A 92 16.10 -6.44 -26.31
C LEU A 92 15.05 -5.55 -26.96
N PRO A 93 13.78 -5.84 -26.77
CA PRO A 93 12.75 -4.91 -27.26
C PRO A 93 12.84 -3.60 -26.50
N ALA A 94 12.21 -2.58 -27.05
CA ALA A 94 12.15 -1.31 -26.34
C ALA A 94 10.94 -1.29 -25.41
N ARG A 95 11.01 -0.40 -24.42
N ARG A 95 11.00 -0.40 -24.42
CA ARG A 95 9.91 -0.24 -23.47
CA ARG A 95 9.89 -0.28 -23.47
C ARG A 95 8.59 -0.02 -24.18
C ARG A 95 8.58 -0.04 -24.19
N ASP A 96 8.58 0.86 -25.19
CA ASP A 96 7.32 1.15 -25.88
C ASP A 96 6.77 -0.04 -26.64
N GLN A 97 7.61 -1.01 -26.99
CA GLN A 97 7.11 -2.19 -27.68
C GLN A 97 6.37 -3.12 -26.74
N ILE A 98 6.87 -3.27 -25.51
CA ILE A 98 6.15 -4.06 -24.51
C ILE A 98 4.83 -3.41 -24.15
N VAL A 99 4.85 -2.08 -23.93
CA VAL A 99 3.63 -1.34 -23.64
C VAL A 99 2.63 -1.51 -24.77
N ARG A 100 3.07 -1.36 -26.02
CA ARG A 100 2.16 -1.54 -27.16
C ARG A 100 1.58 -2.95 -27.19
N LEU A 101 2.42 -3.95 -26.98
CA LEU A 101 1.97 -5.33 -27.02
C LEU A 101 0.86 -5.56 -26.00
N ILE A 102 1.01 -4.98 -24.82
CA ILE A 102 0.03 -5.13 -23.75
C ILE A 102 -1.20 -4.30 -24.04
N ALA A 103 -0.99 -3.04 -24.43
CA ALA A 103 -2.12 -2.16 -24.68
C ALA A 103 -2.99 -2.68 -25.81
N ASP A 104 -2.38 -3.30 -26.81
CA ASP A 104 -3.15 -3.87 -27.91
C ASP A 104 -4.07 -4.99 -27.43
N LEU A 105 -3.69 -5.68 -26.36
CA LEU A 105 -4.51 -6.75 -25.81
C LEU A 105 -5.58 -6.24 -24.86
N ASP A 106 -5.29 -5.18 -24.12
CA ASP A 106 -6.16 -4.69 -23.08
C ASP A 106 -7.52 -4.33 -23.68
N ARG A 107 -8.58 -4.84 -23.07
CA ARG A 107 -9.94 -4.67 -23.58
C ARG A 107 -10.87 -4.73 -22.37
N PRO A 108 -11.92 -3.91 -22.32
CA PRO A 108 -12.87 -4.02 -21.21
C PRO A 108 -13.36 -5.44 -21.06
N GLY A 109 -13.49 -5.87 -19.79
CA GLY A 109 -13.93 -7.21 -19.47
C GLY A 109 -12.91 -8.30 -19.72
N ARG A 110 -11.70 -7.95 -20.14
CA ARG A 110 -10.64 -8.92 -20.40
C ARG A 110 -9.60 -8.85 -19.29
N LEU A 111 -9.17 -10.02 -18.84
CA LEU A 111 -8.00 -10.14 -17.98
C LEU A 111 -6.80 -10.43 -18.87
N THR A 112 -5.84 -9.50 -18.91
CA THR A 112 -4.62 -9.66 -19.69
C THR A 112 -3.48 -9.95 -18.73
N LEU A 113 -2.83 -11.10 -18.89
CA LEU A 113 -1.74 -11.49 -18.02
C LEU A 113 -0.43 -11.27 -18.77
N VAL A 114 0.53 -10.65 -18.09
CA VAL A 114 1.84 -10.34 -18.68
C VAL A 114 2.87 -11.15 -17.90
N GLU A 115 3.47 -12.12 -18.54
CA GLU A 115 4.37 -13.01 -17.86
C GLU A 115 5.78 -12.49 -18.05
N GLY A 116 6.45 -12.24 -16.94
CA GLY A 116 7.82 -11.77 -16.99
C GLY A 116 8.79 -12.93 -17.20
N ALA A 117 10.07 -12.58 -17.22
CA ALA A 117 11.14 -13.55 -17.30
C ALA A 117 11.93 -13.46 -16.01
N GLY A 118 12.12 -14.59 -15.33
CA GLY A 118 12.76 -14.52 -14.03
C GLY A 118 11.95 -13.69 -13.05
N GLY A 119 12.65 -13.00 -12.16
CA GLY A 119 12.01 -12.23 -11.11
C GLY A 119 11.66 -10.82 -11.55
N LEU A 120 11.23 -10.03 -10.57
CA LEU A 120 10.60 -8.75 -10.87
C LEU A 120 11.58 -7.76 -11.50
N LEU A 121 12.82 -7.73 -11.03
CA LEU A 121 13.75 -6.69 -11.45
C LEU A 121 14.61 -7.10 -12.64
N VAL A 122 14.26 -8.18 -13.34
CA VAL A 122 15.00 -8.61 -14.51
C VAL A 122 14.84 -7.61 -15.65
N GLU A 123 15.95 -7.28 -16.32
CA GLU A 123 15.85 -6.36 -17.44
C GLU A 123 15.14 -7.03 -18.61
N LEU A 124 14.03 -6.45 -19.04
CA LEU A 124 13.26 -6.95 -20.16
C LEU A 124 13.39 -6.11 -21.41
N ALA A 125 13.74 -4.84 -21.24
CA ALA A 125 13.88 -3.88 -22.32
C ALA A 125 15.04 -2.97 -21.98
N GLU A 126 15.78 -2.57 -23.02
CA GLU A 126 16.88 -1.64 -22.85
C GLU A 126 16.33 -0.22 -22.70
N PRO A 127 16.85 0.55 -21.73
CA PRO A 127 17.93 0.19 -20.82
C PRO A 127 17.49 -0.06 -19.39
N GLY A 128 17.72 -1.27 -18.87
CA GLY A 128 17.32 -1.58 -17.52
C GLY A 128 15.82 -1.51 -17.25
N VAL A 129 15.00 -1.59 -18.29
CA VAL A 129 13.55 -1.53 -18.10
C VAL A 129 13.05 -2.91 -17.66
N THR A 130 12.28 -2.94 -16.58
CA THR A 130 11.81 -4.15 -15.94
C THR A 130 10.30 -4.29 -16.04
N LEU A 131 9.83 -5.49 -15.70
CA LEU A 131 8.41 -5.74 -15.56
C LEU A 131 7.75 -4.78 -14.56
N ARG A 132 8.48 -4.35 -13.53
CA ARG A 132 7.90 -3.34 -12.63
C ARG A 132 7.67 -2.02 -13.36
N ASP A 133 8.65 -1.57 -14.15
CA ASP A 133 8.47 -0.38 -14.97
C ASP A 133 7.26 -0.54 -15.88
N VAL A 134 7.14 -1.71 -16.51
CA VAL A 134 6.02 -1.97 -17.40
C VAL A 134 4.71 -1.92 -16.64
N ALA A 135 4.67 -2.55 -15.46
CA ALA A 135 3.46 -2.51 -14.65
C ALA A 135 3.07 -1.08 -14.31
N VAL A 136 4.04 -0.22 -14.00
CA VAL A 136 3.75 1.20 -13.79
C VAL A 136 3.15 1.81 -15.05
N ASP A 137 3.79 1.56 -16.21
CA ASP A 137 3.33 2.17 -17.46
C ASP A 137 1.88 1.82 -17.78
N VAL A 138 1.47 0.58 -17.51
CA VAL A 138 0.14 0.12 -17.93
C VAL A 138 -0.83 0.06 -16.75
N ALA A 139 -0.43 0.57 -15.58
CA ALA A 139 -1.27 0.57 -14.38
C ALA A 139 -1.71 -0.84 -13.99
N ALA A 140 -0.79 -1.80 -14.07
CA ALA A 140 -1.08 -3.18 -13.74
C ALA A 140 -0.68 -3.48 -12.31
N ALA A 141 -1.48 -4.29 -11.61
CA ALA A 141 -1.01 -4.88 -10.37
C ALA A 141 -0.10 -6.06 -10.68
N ALA A 142 0.56 -6.59 -9.65
CA ALA A 142 1.50 -7.69 -9.83
C ALA A 142 1.07 -8.87 -8.98
N LEU A 143 0.92 -10.03 -9.61
CA LEU A 143 0.74 -11.31 -8.93
C LEU A 143 2.12 -11.95 -8.76
N VAL A 144 2.50 -12.26 -7.54
CA VAL A 144 3.86 -12.70 -7.23
C VAL A 144 3.86 -14.20 -6.96
N VAL A 145 4.53 -14.96 -7.81
CA VAL A 145 4.64 -16.40 -7.60
C VAL A 145 5.83 -16.65 -6.69
N VAL A 146 5.62 -17.44 -5.65
CA VAL A 146 6.65 -17.73 -4.65
C VAL A 146 6.78 -19.23 -4.53
N THR A 147 7.90 -19.66 -3.97
CA THR A 147 7.97 -21.05 -3.53
C THR A 147 7.61 -21.14 -2.06
N ALA A 148 7.43 -22.36 -1.58
CA ALA A 148 7.35 -22.61 -0.14
C ALA A 148 8.70 -23.00 0.45
N ASP A 149 9.76 -22.99 -0.35
CA ASP A 149 11.05 -23.52 0.09
C ASP A 149 11.81 -22.53 0.98
N LEU A 150 12.76 -23.08 1.73
CA LEU A 150 13.70 -22.26 2.50
C LEU A 150 14.25 -21.11 1.65
N GLY A 151 14.18 -19.90 2.21
CA GLY A 151 14.62 -18.71 1.49
C GLY A 151 13.50 -17.92 0.85
N THR A 152 12.30 -18.50 0.76
CA THR A 152 11.22 -17.80 0.09
C THR A 152 10.80 -16.54 0.85
N LEU A 153 10.95 -16.52 2.18
CA LEU A 153 10.45 -15.38 2.94
C LEU A 153 11.21 -14.11 2.60
N ASN A 154 12.54 -14.18 2.60
CA ASN A 154 13.35 -13.03 2.23
C ASN A 154 13.07 -12.59 0.79
N HIS A 155 13.02 -13.54 -0.15
CA HIS A 155 12.79 -13.16 -1.54
C HIS A 155 11.41 -12.54 -1.74
N THR A 156 10.41 -13.05 -1.02
CA THR A 156 9.08 -12.48 -1.14
C THR A 156 9.02 -11.06 -0.58
N LYS A 157 9.65 -10.83 0.57
CA LYS A 157 9.65 -9.48 1.14
C LYS A 157 10.43 -8.51 0.28
N LEU A 158 11.58 -8.95 -0.26
CA LEU A 158 12.31 -8.13 -1.23
C LEU A 158 11.41 -7.77 -2.41
N THR A 159 10.69 -8.76 -2.94
CA THR A 159 9.88 -8.50 -4.12
C THR A 159 8.71 -7.58 -3.77
N LEU A 160 8.07 -7.79 -2.64
CA LEU A 160 6.94 -6.93 -2.28
C LEU A 160 7.40 -5.49 -2.00
N GLU A 161 8.57 -5.33 -1.37
CA GLU A 161 9.08 -3.98 -1.16
C GLU A 161 9.37 -3.29 -2.49
N ALA A 162 9.92 -4.03 -3.45
CA ALA A 162 10.20 -3.41 -4.74
C ALA A 162 8.91 -3.00 -5.46
N LEU A 163 7.86 -3.81 -5.40
CA LEU A 163 6.58 -3.37 -5.94
C LEU A 163 6.11 -2.07 -5.26
N ALA A 164 6.14 -2.05 -3.93
CA ALA A 164 5.64 -0.87 -3.21
C ALA A 164 6.51 0.36 -3.46
N ALA A 165 7.81 0.18 -3.67
CA ALA A 165 8.68 1.33 -3.93
C ALA A 165 8.23 2.12 -5.14
N GLN A 166 7.52 1.49 -6.07
CA GLN A 166 7.03 2.16 -7.28
C GLN A 166 5.51 2.16 -7.34
N GLN A 167 4.84 1.92 -6.20
N GLN A 167 4.85 1.91 -6.20
CA GLN A 167 3.38 2.02 -6.07
CA GLN A 167 3.40 2.02 -6.10
C GLN A 167 2.66 1.00 -6.95
C GLN A 167 2.73 1.07 -7.07
N VAL A 168 3.32 -0.12 -7.24
CA VAL A 168 2.68 -1.21 -7.98
C VAL A 168 1.96 -2.06 -6.96
N SER A 169 0.63 -2.13 -7.07
CA SER A 169 -0.16 -2.90 -6.14
C SER A 169 0.20 -4.37 -6.26
N CYS A 170 0.23 -5.07 -5.12
CA CYS A 170 0.45 -6.52 -5.12
C CYS A 170 -0.90 -7.21 -5.10
N ALA A 171 -1.21 -7.92 -6.19
CA ALA A 171 -2.47 -8.65 -6.28
C ALA A 171 -2.49 -9.86 -5.37
N GLY A 172 -1.37 -10.21 -4.78
CA GLY A 172 -1.28 -11.35 -3.91
C GLY A 172 -0.15 -12.25 -4.31
N LEU A 173 -0.04 -13.36 -3.60
CA LEU A 173 1.00 -14.35 -3.86
C LEU A 173 0.34 -15.63 -4.35
N VAL A 174 1.10 -16.41 -5.10
CA VAL A 174 0.70 -17.78 -5.43
C VAL A 174 1.90 -18.67 -5.19
N ILE A 175 1.71 -19.71 -4.39
CA ILE A 175 2.78 -20.68 -4.20
C ILE A 175 2.78 -21.56 -5.44
N GLY A 176 3.88 -21.54 -6.19
CA GLY A 176 3.92 -22.20 -7.48
C GLY A 176 3.88 -23.71 -7.40
N SER A 177 4.34 -24.28 -6.30
CA SER A 177 4.26 -25.73 -6.11
C SER A 177 4.08 -25.99 -4.63
N TRP A 178 3.02 -26.69 -4.26
CA TRP A 178 2.73 -26.92 -2.84
C TRP A 178 2.86 -28.40 -2.56
N PRO A 179 3.83 -28.82 -1.74
CA PRO A 179 4.04 -30.25 -1.52
C PRO A 179 2.90 -30.85 -0.71
N ASP A 180 2.57 -32.10 -1.02
CA ASP A 180 1.57 -32.86 -0.27
C ASP A 180 2.19 -34.18 0.18
N PRO A 181 2.39 -34.39 1.49
CA PRO A 181 2.04 -33.39 2.48
C PRO A 181 3.20 -32.40 2.73
N PRO A 182 2.90 -31.25 3.32
CA PRO A 182 3.96 -30.27 3.56
C PRO A 182 4.84 -30.62 4.76
N GLY A 183 6.14 -30.35 4.61
CA GLY A 183 7.07 -30.48 5.71
C GLY A 183 6.96 -29.32 6.67
N LEU A 184 7.83 -29.34 7.68
CA LEU A 184 7.83 -28.31 8.70
C LEU A 184 8.12 -26.93 8.10
N VAL A 185 9.12 -26.86 7.22
CA VAL A 185 9.54 -25.57 6.69
C VAL A 185 8.49 -25.03 5.72
N ALA A 186 7.96 -25.89 4.85
CA ALA A 186 6.94 -25.46 3.90
C ALA A 186 5.69 -24.95 4.62
N ALA A 187 5.24 -25.67 5.65
CA ALA A 187 4.10 -25.22 6.43
C ALA A 187 4.41 -23.91 7.15
N SER A 188 5.60 -23.83 7.75
CA SER A 188 5.97 -22.56 8.38
C SER A 188 6.06 -21.45 7.34
N ASN A 189 6.64 -21.72 6.18
CA ASN A 189 6.73 -20.69 5.15
C ASN A 189 5.35 -20.23 4.68
N ARG A 190 4.44 -21.17 4.43
CA ARG A 190 3.11 -20.78 3.97
C ARG A 190 2.40 -19.91 5.00
N SER A 191 2.53 -20.25 6.28
N SER A 191 2.51 -20.24 6.28
CA SER A 191 1.94 -19.41 7.32
CA SER A 191 1.94 -19.39 7.31
C SER A 191 2.60 -18.04 7.35
C SER A 191 2.60 -18.03 7.31
N ALA A 192 3.94 -17.99 7.25
CA ALA A 192 4.63 -16.71 7.22
C ALA A 192 4.29 -15.92 5.96
N LEU A 193 4.18 -16.59 4.82
CA LEU A 193 3.79 -15.90 3.58
C LEU A 193 2.42 -15.25 3.71
N ALA A 194 1.45 -15.97 4.26
CA ALA A 194 0.11 -15.41 4.43
C ALA A 194 0.11 -14.18 5.34
N ARG A 195 1.06 -14.10 6.27
CA ARG A 195 1.16 -12.89 7.09
C ARG A 195 1.77 -11.73 6.32
N ILE A 196 2.46 -12.00 5.21
CA ILE A 196 3.08 -10.98 4.37
C ILE A 196 2.07 -10.41 3.36
N ALA A 197 1.26 -11.27 2.76
CA ALA A 197 0.34 -10.86 1.71
C ALA A 197 -0.69 -11.97 1.54
N MET A 198 -1.72 -11.70 0.75
CA MET A 198 -2.75 -12.69 0.47
C MET A 198 -2.17 -13.82 -0.38
N VAL A 199 -2.31 -15.05 0.11
CA VAL A 199 -1.91 -16.23 -0.65
C VAL A 199 -3.12 -16.67 -1.47
N ARG A 200 -3.14 -16.29 -2.75
CA ARG A 200 -4.32 -16.50 -3.58
C ARG A 200 -4.53 -17.97 -3.91
N ALA A 201 -3.44 -18.73 -4.02
CA ALA A 201 -3.50 -20.14 -4.37
C ALA A 201 -2.18 -20.80 -3.98
N ALA A 202 -2.23 -22.11 -3.83
CA ALA A 202 -1.03 -22.93 -3.68
C ALA A 202 -1.21 -24.09 -4.65
N LEU A 203 -0.57 -24.02 -5.81
CA LEU A 203 -0.81 -25.02 -6.82
C LEU A 203 -0.20 -26.34 -6.39
N PRO A 204 -0.93 -27.45 -6.48
CA PRO A 204 -0.36 -28.73 -6.07
C PRO A 204 0.86 -29.06 -6.92
N ALA A 205 1.86 -29.66 -6.26
CA ALA A 205 3.02 -30.16 -6.97
C ALA A 205 2.57 -31.04 -8.13
N GLY A 206 3.26 -30.93 -9.25
CA GLY A 206 2.90 -31.67 -10.44
C GLY A 206 1.79 -31.08 -11.26
N ALA A 207 1.28 -29.89 -10.90
CA ALA A 207 0.20 -29.28 -11.66
C ALA A 207 0.56 -29.14 -13.12
N ALA A 208 1.83 -28.83 -13.42
CA ALA A 208 2.27 -28.62 -14.79
C ALA A 208 2.13 -29.87 -15.65
N SER A 209 2.05 -31.05 -15.03
N SER A 209 2.05 -31.06 -15.04
CA SER A 209 1.96 -32.31 -15.75
CA SER A 209 1.95 -32.31 -15.76
C SER A 209 0.53 -32.78 -15.95
C SER A 209 0.51 -32.73 -16.02
N LEU A 210 -0.46 -31.99 -15.51
CA LEU A 210 -1.85 -32.38 -15.66
C LEU A 210 -2.31 -32.18 -17.10
N ASP A 211 -3.34 -32.94 -17.49
CA ASP A 211 -3.95 -32.69 -18.77
C ASP A 211 -4.97 -31.55 -18.66
N ALA A 212 -5.51 -31.16 -19.81
CA ALA A 212 -6.34 -29.95 -19.85
C ALA A 212 -7.52 -30.05 -18.89
N GLY A 213 -8.15 -31.22 -18.80
CA GLY A 213 -9.28 -31.37 -17.92
C GLY A 213 -8.90 -31.32 -16.45
N ASP A 214 -7.86 -32.07 -16.07
CA ASP A 214 -7.42 -32.03 -14.69
C ASP A 214 -6.82 -30.68 -14.33
N PHE A 215 -6.18 -30.03 -15.30
CA PHE A 215 -5.62 -28.70 -15.03
C PHE A 215 -6.74 -27.71 -14.76
N ALA A 216 -7.79 -27.74 -15.58
CA ALA A 216 -8.90 -26.83 -15.37
C ALA A 216 -9.56 -27.07 -14.02
N ALA A 217 -9.67 -28.34 -13.62
CA ALA A 217 -10.27 -28.64 -12.32
C ALA A 217 -9.38 -28.12 -11.19
N MET A 218 -8.08 -28.43 -11.27
CA MET A 218 -7.14 -27.90 -10.28
C MET A 218 -7.22 -26.38 -10.20
N SER A 219 -7.27 -25.71 -11.36
CA SER A 219 -7.27 -24.25 -11.36
C SER A 219 -8.53 -23.70 -10.72
N ALA A 220 -9.70 -24.25 -11.06
CA ALA A 220 -10.93 -23.76 -10.44
C ALA A 220 -10.90 -23.99 -8.93
N ALA A 221 -10.30 -25.10 -8.50
CA ALA A 221 -10.18 -25.38 -7.07
C ALA A 221 -9.13 -24.52 -6.40
N ALA A 222 -8.10 -24.07 -7.14
CA ALA A 222 -6.95 -23.43 -6.50
C ALA A 222 -7.20 -21.98 -6.11
N PHE A 223 -8.02 -21.25 -6.87
CA PHE A 223 -8.31 -19.86 -6.61
C PHE A 223 -9.72 -19.69 -6.06
N ASP A 224 -9.89 -18.66 -5.24
CA ASP A 224 -11.22 -18.24 -4.82
C ASP A 224 -11.96 -17.65 -6.01
N ARG A 225 -13.08 -18.27 -6.40
CA ARG A 225 -13.79 -17.81 -7.58
C ARG A 225 -14.26 -16.37 -7.42
N ASN A 226 -14.59 -15.96 -6.21
CA ASN A 226 -14.97 -14.56 -5.99
C ASN A 226 -13.80 -13.64 -6.28
N TRP A 227 -12.59 -14.01 -5.85
CA TRP A 227 -11.45 -13.15 -6.11
C TRP A 227 -11.19 -13.05 -7.60
N VAL A 228 -11.20 -14.19 -8.30
CA VAL A 228 -10.95 -14.22 -9.74
C VAL A 228 -11.95 -13.32 -10.46
N ALA A 229 -13.24 -13.57 -10.23
CA ALA A 229 -14.28 -12.76 -10.86
C ALA A 229 -14.12 -11.29 -10.51
N GLY A 230 -13.68 -11.02 -9.29
CA GLY A 230 -13.49 -9.66 -8.86
C GLY A 230 -12.37 -8.95 -9.58
N LEU A 231 -11.53 -9.70 -10.29
CA LEU A 231 -10.40 -9.06 -10.97
C LEU A 231 -10.86 -8.17 -12.11
N VAL A 232 -12.00 -8.48 -12.72
CA VAL A 232 -12.39 -7.92 -14.00
C VAL A 232 -13.84 -7.47 -13.91
N GLY A 233 -14.10 -6.21 -14.21
CA GLY A 233 -15.45 -5.68 -14.24
C GLY A 233 -16.01 -5.62 -15.65
N GLY B 7 34.47 5.18 17.03
CA GLY B 7 34.30 3.83 16.52
C GLY B 7 35.20 3.50 15.34
N GLY B 8 35.06 2.28 14.83
CA GLY B 8 35.84 1.83 13.68
C GLY B 8 34.99 1.68 12.44
N THR B 9 35.09 0.55 11.75
CA THR B 9 34.26 0.26 10.59
C THR B 9 33.38 -0.93 10.92
N ILE B 10 32.07 -0.74 10.79
CA ILE B 10 31.08 -1.81 10.91
C ILE B 10 30.55 -2.10 9.52
N LEU B 11 30.56 -3.39 9.15
CA LEU B 11 30.12 -3.85 7.84
C LEU B 11 29.17 -5.01 8.07
N VAL B 12 27.91 -4.88 7.66
CA VAL B 12 27.09 -6.08 7.69
C VAL B 12 27.47 -6.92 6.47
N VAL B 13 27.53 -8.22 6.68
CA VAL B 13 27.76 -9.17 5.61
C VAL B 13 26.43 -9.89 5.39
N THR B 14 25.72 -9.47 4.36
CA THR B 14 24.43 -10.07 4.07
C THR B 14 24.55 -10.90 2.80
N GLY B 15 23.41 -11.32 2.27
CA GLY B 15 23.42 -12.10 1.05
C GLY B 15 22.07 -11.97 0.38
N THR B 16 22.03 -12.40 -0.89
CA THR B 16 20.76 -12.41 -1.62
C THR B 16 19.80 -13.45 -1.08
N GLY B 17 20.28 -14.40 -0.29
CA GLY B 17 19.38 -15.42 0.24
C GLY B 17 20.07 -16.32 1.25
N THR B 18 19.54 -17.53 1.39
CA THR B 18 20.10 -18.51 2.30
C THR B 18 21.02 -19.46 1.54
N GLY B 19 22.10 -19.88 2.18
CA GLY B 19 23.00 -20.84 1.58
C GLY B 19 23.74 -20.30 0.38
N VAL B 20 24.07 -19.01 0.39
CA VAL B 20 24.77 -18.39 -0.71
C VAL B 20 26.26 -18.17 -0.40
N GLY B 21 26.69 -18.45 0.80
CA GLY B 21 28.08 -18.30 1.18
C GLY B 21 28.36 -17.16 2.11
N LYS B 22 27.35 -16.65 2.82
CA LYS B 22 27.57 -15.49 3.68
C LYS B 22 28.65 -15.75 4.71
N THR B 23 28.56 -16.88 5.41
CA THR B 23 29.49 -17.16 6.50
C THR B 23 30.91 -17.31 5.98
N VAL B 24 31.07 -18.06 4.89
CA VAL B 24 32.43 -18.26 4.39
C VAL B 24 32.98 -16.95 3.84
N VAL B 25 32.13 -16.08 3.29
CA VAL B 25 32.61 -14.75 2.88
C VAL B 25 32.95 -13.91 4.09
N CYS B 26 32.11 -13.94 5.12
CA CYS B 26 32.47 -13.29 6.38
C CYS B 26 33.84 -13.77 6.85
N ALA B 27 34.03 -15.10 6.88
CA ALA B 27 35.32 -15.64 7.27
C ALA B 27 36.43 -15.16 6.34
N ALA B 28 36.17 -15.17 5.03
CA ALA B 28 37.24 -14.87 4.08
C ALA B 28 37.65 -13.40 4.18
N LEU B 29 36.69 -12.49 4.35
CA LEU B 29 37.03 -11.09 4.52
C LEU B 29 37.76 -10.87 5.84
N ALA B 30 37.29 -11.50 6.91
CA ALA B 30 37.98 -11.40 8.20
C ALA B 30 39.42 -11.84 8.06
N SER B 31 39.64 -12.98 7.40
CA SER B 31 41.01 -13.49 7.21
C SER B 31 41.86 -12.49 6.45
N ALA B 32 41.36 -11.98 5.33
CA ALA B 32 42.13 -11.02 4.54
C ALA B 32 42.43 -9.77 5.36
N ALA B 33 41.43 -9.28 6.11
CA ALA B 33 41.62 -8.07 6.91
C ALA B 33 42.68 -8.30 7.99
N ARG B 34 42.56 -9.42 8.71
CA ARG B 34 43.57 -9.75 9.72
C ARG B 34 44.96 -9.85 9.10
N GLN B 35 45.06 -10.40 7.90
CA GLN B 35 46.38 -10.52 7.28
C GLN B 35 46.93 -9.15 6.89
N ALA B 36 46.07 -8.19 6.63
CA ALA B 36 46.45 -6.80 6.44
C ALA B 36 46.71 -6.05 7.75
N GLY B 37 46.78 -6.77 8.88
CA GLY B 37 47.02 -6.13 10.16
C GLY B 37 45.80 -5.53 10.83
N ILE B 38 44.61 -5.72 10.25
CA ILE B 38 43.40 -5.12 10.79
C ILE B 38 42.85 -6.00 11.90
N ASP B 39 42.50 -5.37 13.02
CA ASP B 39 41.79 -6.07 14.08
C ASP B 39 40.35 -6.31 13.64
N VAL B 40 39.89 -7.56 13.72
CA VAL B 40 38.59 -7.95 13.19
C VAL B 40 37.76 -8.58 14.29
N ALA B 41 36.50 -8.14 14.40
CA ALA B 41 35.50 -8.76 15.24
C ALA B 41 34.33 -9.17 14.35
N VAL B 42 33.65 -10.25 14.74
CA VAL B 42 32.44 -10.68 14.04
C VAL B 42 31.31 -10.82 15.05
N CYS B 43 30.18 -10.19 14.75
CA CYS B 43 28.97 -10.34 15.53
C CYS B 43 27.94 -11.07 14.70
N LYS B 44 27.52 -12.24 15.18
CA LYS B 44 26.38 -12.96 14.62
C LYS B 44 25.34 -13.04 15.73
N PRO B 45 24.43 -12.08 15.80
CA PRO B 45 23.52 -12.05 16.96
C PRO B 45 22.70 -13.32 17.11
N VAL B 46 22.21 -13.89 16.00
CA VAL B 46 21.31 -15.03 16.07
C VAL B 46 21.87 -16.17 15.22
N GLN B 47 21.98 -17.34 15.83
CA GLN B 47 22.34 -18.58 15.16
C GLN B 47 21.15 -19.54 15.25
N THR B 48 20.79 -20.18 14.14
CA THR B 48 19.83 -21.26 14.19
C THR B 48 20.49 -22.53 13.65
N GLY B 49 19.71 -23.62 13.60
CA GLY B 49 20.28 -24.89 13.19
C GLY B 49 21.37 -25.42 14.09
N THR B 50 21.31 -25.12 15.39
CA THR B 50 22.35 -25.63 16.29
C THR B 50 22.18 -27.12 16.58
N ALA B 51 20.98 -27.68 16.40
CA ALA B 51 20.83 -29.11 16.64
C ALA B 51 21.76 -29.92 15.75
N ARG B 52 21.83 -29.56 14.47
CA ARG B 52 22.71 -30.27 13.54
C ARG B 52 24.14 -29.76 13.59
N GLY B 53 24.43 -28.78 14.45
CA GLY B 53 25.77 -28.32 14.67
C GLY B 53 26.15 -26.99 14.02
N ASP B 54 25.19 -26.24 13.48
CA ASP B 54 25.55 -24.97 12.85
C ASP B 54 26.15 -24.03 13.88
N ASP B 55 27.23 -23.36 13.50
CA ASP B 55 27.89 -22.41 14.39
C ASP B 55 28.80 -21.56 13.53
N ASP B 56 28.23 -20.51 12.93
CA ASP B 56 28.97 -19.72 11.96
C ASP B 56 30.10 -18.93 12.60
N LEU B 57 29.91 -18.50 13.86
CA LEU B 57 31.00 -17.84 14.56
C LEU B 57 32.18 -18.78 14.69
N ALA B 58 31.94 -20.06 14.98
CA ALA B 58 33.06 -20.99 15.09
C ALA B 58 33.77 -21.16 13.76
N GLU B 59 33.01 -21.15 12.65
CA GLU B 59 33.61 -21.21 11.33
C GLU B 59 34.54 -20.03 11.11
N VAL B 60 34.08 -18.84 11.47
CA VAL B 60 34.91 -17.66 11.33
C VAL B 60 36.13 -17.77 12.24
N GLY B 61 35.93 -18.18 13.49
CA GLY B 61 37.05 -18.36 14.40
C GLY B 61 38.06 -19.38 13.90
N ARG B 62 37.57 -20.48 13.34
CA ARG B 62 38.50 -21.49 12.86
C ARG B 62 39.15 -21.09 11.54
N LEU B 63 38.39 -20.54 10.60
CA LEU B 63 38.95 -20.27 9.29
C LEU B 63 39.80 -19.00 9.28
N ALA B 64 39.41 -17.98 10.04
CA ALA B 64 40.06 -16.69 9.95
C ALA B 64 40.89 -16.34 11.18
N GLY B 65 40.73 -17.06 12.29
CA GLY B 65 41.44 -16.75 13.50
C GLY B 65 40.84 -15.63 14.34
N VAL B 66 39.69 -15.09 13.95
CA VAL B 66 39.03 -14.10 14.80
C VAL B 66 38.74 -14.71 16.16
N THR B 67 38.98 -13.94 17.22
CA THR B 67 38.62 -14.31 18.57
C THR B 67 37.46 -13.52 19.12
N GLN B 68 37.29 -12.27 18.69
CA GLN B 68 36.16 -11.44 19.11
C GLN B 68 34.97 -11.86 18.27
N LEU B 69 34.21 -12.82 18.81
CA LEU B 69 33.10 -13.48 18.14
C LEU B 69 31.91 -13.35 19.06
N ALA B 70 30.95 -12.50 18.72
CA ALA B 70 29.87 -12.13 19.62
C ALA B 70 28.53 -12.66 19.09
N GLY B 71 27.81 -13.38 19.95
CA GLY B 71 26.47 -13.83 19.63
C GLY B 71 25.55 -13.65 20.82
N LEU B 72 24.24 -13.73 20.55
CA LEU B 72 23.24 -13.51 21.60
C LEU B 72 22.27 -14.68 21.78
N ALA B 73 21.98 -15.43 20.72
CA ALA B 73 20.91 -16.40 20.80
C ALA B 73 21.20 -17.52 19.84
N ARG B 74 20.82 -18.73 20.25
CA ARG B 74 21.07 -19.94 19.49
C ARG B 74 19.81 -20.78 19.50
N TYR B 75 19.35 -21.16 18.31
CA TYR B 75 18.11 -21.90 18.19
C TYR B 75 18.35 -23.25 17.53
N PRO B 76 17.83 -24.33 18.12
CA PRO B 76 18.12 -25.68 17.58
C PRO B 76 17.72 -25.89 16.12
N GLN B 77 16.53 -25.40 15.70
CA GLN B 77 15.98 -25.83 14.41
C GLN B 77 16.65 -25.10 13.26
N PRO B 78 16.88 -25.77 12.14
CA PRO B 78 17.52 -25.14 10.97
C PRO B 78 16.51 -24.35 10.14
N MET B 79 16.01 -23.28 10.73
CA MET B 79 14.98 -22.47 10.10
C MET B 79 15.34 -21.00 10.23
N ALA B 80 14.54 -20.18 9.58
CA ALA B 80 14.69 -18.74 9.76
C ALA B 80 14.52 -18.40 11.24
N PRO B 81 15.23 -17.40 11.76
CA PRO B 81 15.16 -17.10 13.19
C PRO B 81 13.75 -17.06 13.78
N ALA B 82 12.82 -16.41 13.09
CA ALA B 82 11.45 -16.30 13.62
C ALA B 82 10.82 -17.69 13.78
N ALA B 83 10.96 -18.54 12.77
CA ALA B 83 10.41 -19.88 12.83
C ALA B 83 11.14 -20.73 13.86
N ALA B 84 12.47 -20.59 13.93
CA ALA B 84 13.24 -21.35 14.90
C ALA B 84 12.89 -20.93 16.31
N ALA B 85 12.71 -19.62 16.51
CA ALA B 85 12.30 -19.12 17.83
C ALA B 85 10.89 -19.60 18.18
N GLU B 86 9.98 -19.59 17.19
CA GLU B 86 8.63 -20.06 17.43
C GLU B 86 8.63 -21.55 17.75
N HIS B 87 9.43 -22.33 17.02
CA HIS B 87 9.53 -23.75 17.32
C HIS B 87 9.98 -23.97 18.76
N ALA B 88 10.99 -23.23 19.18
CA ALA B 88 11.55 -23.37 20.52
C ALA B 88 10.66 -22.78 21.60
N GLY B 89 9.68 -21.97 21.23
CA GLY B 89 8.83 -21.33 22.22
C GLY B 89 9.51 -20.21 22.96
N MET B 90 10.49 -19.56 22.36
CA MET B 90 11.24 -18.50 23.02
C MET B 90 11.45 -17.38 22.01
N ALA B 91 11.41 -16.14 22.50
CA ALA B 91 11.47 -15.01 21.60
C ALA B 91 12.89 -14.83 21.05
N LEU B 92 12.96 -14.19 19.89
CA LEU B 92 14.23 -13.67 19.39
C LEU B 92 14.72 -12.58 20.32
N PRO B 93 16.01 -12.23 20.26
CA PRO B 93 16.50 -11.10 21.05
C PRO B 93 15.81 -9.81 20.62
N ALA B 94 16.00 -8.79 21.44
CA ALA B 94 15.48 -7.46 21.15
C ALA B 94 16.43 -6.70 20.25
N ARG B 95 15.87 -5.72 19.55
CA ARG B 95 16.68 -4.86 18.69
C ARG B 95 17.79 -4.20 19.49
N ASP B 96 17.46 -3.66 20.68
CA ASP B 96 18.46 -2.98 21.48
C ASP B 96 19.62 -3.91 21.82
N GLN B 97 19.33 -5.17 22.14
CA GLN B 97 20.40 -6.11 22.42
C GLN B 97 21.39 -6.16 21.26
N ILE B 98 20.87 -6.32 20.04
CA ILE B 98 21.75 -6.50 18.90
C ILE B 98 22.56 -5.23 18.62
N VAL B 99 21.88 -4.08 18.60
CA VAL B 99 22.56 -2.85 18.23
C VAL B 99 23.59 -2.45 19.28
N ARG B 100 23.25 -2.60 20.56
CA ARG B 100 24.21 -2.23 21.60
C ARG B 100 25.41 -3.18 21.60
N LEU B 101 25.17 -4.48 21.40
CA LEU B 101 26.27 -5.43 21.27
C LEU B 101 27.23 -5.02 20.17
N ILE B 102 26.71 -4.72 18.98
CA ILE B 102 27.56 -4.28 17.88
C ILE B 102 28.26 -2.97 18.24
N ALA B 103 27.52 -2.01 18.80
CA ALA B 103 28.12 -0.73 19.16
C ALA B 103 29.25 -0.91 20.18
N ASP B 104 29.07 -1.82 21.13
CA ASP B 104 30.11 -2.10 22.13
C ASP B 104 31.31 -2.81 21.54
N LEU B 105 31.08 -3.65 20.52
CA LEU B 105 32.19 -4.32 19.83
C LEU B 105 33.01 -3.34 19.02
N ASP B 106 32.36 -2.32 18.46
CA ASP B 106 33.00 -1.40 17.53
C ASP B 106 34.05 -0.56 18.24
N ARG B 107 35.22 -0.42 17.64
CA ARG B 107 36.24 0.42 18.23
C ARG B 107 37.16 0.93 17.15
N PRO B 108 37.84 2.07 17.39
CA PRO B 108 38.71 2.62 16.35
C PRO B 108 39.75 1.61 15.91
N GLY B 109 40.00 1.56 14.61
CA GLY B 109 40.96 0.61 14.11
C GLY B 109 40.44 -0.79 13.90
N ARG B 110 39.21 -1.09 14.29
CA ARG B 110 38.67 -2.44 14.19
C ARG B 110 37.65 -2.53 13.06
N LEU B 111 37.68 -3.65 12.33
CA LEU B 111 36.63 -3.99 11.38
C LEU B 111 35.68 -4.95 12.07
N THR B 112 34.45 -4.52 12.28
CA THR B 112 33.41 -5.35 12.90
C THR B 112 32.46 -5.81 11.82
N LEU B 113 32.47 -7.11 11.54
CA LEU B 113 31.55 -7.71 10.58
C LEU B 113 30.30 -8.19 11.32
N VAL B 114 29.14 -7.93 10.74
CA VAL B 114 27.87 -8.31 11.35
C VAL B 114 27.17 -9.27 10.41
N GLU B 115 26.85 -10.45 10.91
CA GLU B 115 26.24 -11.49 10.11
C GLU B 115 24.85 -11.75 10.63
N GLY B 116 23.87 -11.72 9.74
CA GLY B 116 22.51 -12.04 10.11
C GLY B 116 22.22 -13.50 9.84
N ALA B 117 21.09 -13.77 9.20
CA ALA B 117 20.71 -15.12 8.83
C ALA B 117 19.86 -15.01 7.58
N GLY B 118 20.10 -15.89 6.62
CA GLY B 118 19.38 -15.75 5.37
C GLY B 118 19.68 -14.41 4.73
N GLY B 119 18.70 -13.91 3.97
CA GLY B 119 18.87 -12.68 3.23
C GLY B 119 18.69 -11.44 4.08
N LEU B 120 18.61 -10.31 3.37
CA LEU B 120 18.67 -9.01 4.02
C LEU B 120 17.44 -8.73 4.86
N LEU B 121 16.25 -9.13 4.39
CA LEU B 121 15.02 -8.72 5.03
C LEU B 121 14.47 -9.75 6.01
N VAL B 122 15.26 -10.74 6.43
CA VAL B 122 14.70 -11.71 7.34
C VAL B 122 14.74 -11.17 8.77
N GLU B 123 13.71 -11.53 9.53
CA GLU B 123 13.58 -11.06 10.90
C GLU B 123 14.69 -11.65 11.76
N LEU B 124 15.41 -10.78 12.45
CA LEU B 124 16.51 -11.13 13.34
C LEU B 124 16.18 -10.87 14.79
N ALA B 125 15.50 -9.78 15.07
CA ALA B 125 15.09 -9.46 16.43
C ALA B 125 13.59 -9.23 16.46
N GLU B 126 12.98 -9.52 17.61
CA GLU B 126 11.59 -9.15 17.83
C GLU B 126 11.50 -7.63 17.96
N PRO B 127 10.49 -6.99 17.38
CA PRO B 127 9.50 -7.56 16.47
C PRO B 127 9.78 -7.16 15.00
N GLY B 128 10.09 -8.14 14.16
CA GLY B 128 10.27 -7.85 12.75
C GLY B 128 11.45 -6.97 12.39
N VAL B 129 12.47 -6.88 13.23
CA VAL B 129 13.60 -6.05 12.86
C VAL B 129 14.64 -6.92 12.15
N THR B 130 15.18 -6.36 11.09
CA THR B 130 16.04 -7.09 10.15
C THR B 130 17.48 -6.62 10.30
N LEU B 131 18.36 -7.32 9.58
CA LEU B 131 19.74 -6.85 9.45
C LEU B 131 19.84 -5.46 8.82
N ARG B 132 18.92 -5.12 7.90
CA ARG B 132 18.94 -3.77 7.34
C ARG B 132 18.66 -2.72 8.41
N ASP B 133 17.66 -2.99 9.25
CA ASP B 133 17.38 -2.09 10.37
C ASP B 133 18.61 -1.92 11.24
N VAL B 134 19.27 -3.02 11.57
CA VAL B 134 20.48 -2.98 12.39
C VAL B 134 21.56 -2.15 11.70
N ALA B 135 21.76 -2.40 10.41
CA ALA B 135 22.73 -1.63 9.64
C ALA B 135 22.44 -0.14 9.71
N VAL B 136 21.16 0.23 9.61
CA VAL B 136 20.79 1.66 9.73
C VAL B 136 21.15 2.16 11.12
N ASP B 137 20.82 1.38 12.14
CA ASP B 137 21.05 1.80 13.52
C ASP B 137 22.52 2.01 13.81
N VAL B 138 23.40 1.18 13.26
CA VAL B 138 24.82 1.30 13.57
C VAL B 138 25.60 1.99 12.45
N ALA B 139 24.92 2.51 11.44
CA ALA B 139 25.57 3.19 10.31
C ALA B 139 26.60 2.28 9.65
N ALA B 140 26.22 1.04 9.44
CA ALA B 140 27.07 0.13 8.69
C ALA B 140 26.72 0.19 7.21
N ALA B 141 27.74 0.03 6.37
CA ALA B 141 27.54 -0.37 4.98
C ALA B 141 27.28 -1.88 4.93
N ALA B 142 26.92 -2.36 3.75
CA ALA B 142 26.56 -3.76 3.57
C ALA B 142 27.38 -4.37 2.44
N LEU B 143 28.05 -5.47 2.73
CA LEU B 143 28.64 -6.34 1.72
C LEU B 143 27.62 -7.43 1.41
N VAL B 144 27.35 -7.67 0.12
CA VAL B 144 26.26 -8.55 -0.29
C VAL B 144 26.83 -9.78 -0.97
N VAL B 145 26.62 -10.95 -0.37
CA VAL B 145 27.09 -12.19 -0.94
C VAL B 145 26.04 -12.70 -1.92
N VAL B 146 26.47 -13.01 -3.14
CA VAL B 146 25.61 -13.41 -4.25
C VAL B 146 26.09 -14.77 -4.76
N THR B 147 25.20 -15.45 -5.46
CA THR B 147 25.62 -16.63 -6.20
C THR B 147 25.99 -16.21 -7.62
N ALA B 148 26.65 -17.12 -8.34
CA ALA B 148 26.87 -16.93 -9.77
C ALA B 148 25.80 -17.63 -10.60
N ASP B 149 24.79 -18.20 -9.96
CA ASP B 149 23.82 -19.07 -10.60
C ASP B 149 22.65 -18.29 -11.20
N LEU B 150 21.97 -18.96 -12.13
CA LEU B 150 20.74 -18.46 -12.72
C LEU B 150 19.82 -17.91 -11.63
N GLY B 151 19.40 -16.66 -11.81
CA GLY B 151 18.54 -16.00 -10.84
C GLY B 151 19.25 -14.99 -9.96
N THR B 152 20.58 -15.03 -9.94
CA THR B 152 21.32 -14.12 -9.07
C THR B 152 21.10 -12.66 -9.46
N LEU B 153 20.87 -12.37 -10.74
CA LEU B 153 20.78 -10.98 -11.16
C LEU B 153 19.58 -10.30 -10.51
N ASN B 154 18.40 -10.93 -10.60
CA ASN B 154 17.22 -10.38 -9.96
C ASN B 154 17.42 -10.26 -8.45
N HIS B 155 17.86 -11.33 -7.81
CA HIS B 155 18.02 -11.31 -6.36
C HIS B 155 19.05 -10.26 -5.93
N THR B 156 20.10 -10.06 -6.73
CA THR B 156 21.08 -9.04 -6.36
C THR B 156 20.47 -7.66 -6.50
N LYS B 157 19.79 -7.39 -7.61
CA LYS B 157 19.16 -6.09 -7.77
C LYS B 157 18.10 -5.84 -6.68
N LEU B 158 17.33 -6.86 -6.33
CA LEU B 158 16.35 -6.72 -5.24
C LEU B 158 17.03 -6.31 -3.94
N THR B 159 18.16 -6.95 -3.62
CA THR B 159 18.84 -6.68 -2.36
C THR B 159 19.45 -5.29 -2.38
N LEU B 160 20.07 -4.90 -3.51
CA LEU B 160 20.68 -3.57 -3.60
C LEU B 160 19.62 -2.48 -3.49
N GLU B 161 18.47 -2.68 -4.12
CA GLU B 161 17.40 -1.70 -3.98
C GLU B 161 16.99 -1.56 -2.53
N ALA B 162 16.82 -2.69 -1.84
CA ALA B 162 16.40 -2.63 -0.46
C ALA B 162 17.44 -1.95 0.40
N LEU B 163 18.74 -2.12 0.09
CA LEU B 163 19.77 -1.38 0.81
C LEU B 163 19.63 0.12 0.59
N ALA B 164 19.60 0.53 -0.68
CA ALA B 164 19.49 1.94 -1.02
C ALA B 164 18.20 2.57 -0.48
N ALA B 165 17.13 1.78 -0.40
CA ALA B 165 15.86 2.34 0.07
C ALA B 165 15.97 2.89 1.49
N GLN B 166 16.84 2.32 2.32
CA GLN B 166 17.09 2.86 3.65
C GLN B 166 18.48 3.49 3.76
N GLN B 167 19.06 3.86 2.62
CA GLN B 167 20.33 4.60 2.59
C GLN B 167 21.46 3.82 3.24
N VAL B 168 21.43 2.49 3.13
CA VAL B 168 22.53 1.65 3.57
C VAL B 168 23.48 1.45 2.40
N SER B 169 24.70 1.94 2.55
CA SER B 169 25.65 1.92 1.45
C SER B 169 26.03 0.48 1.13
N CYS B 170 26.19 0.21 -0.16
CA CYS B 170 26.59 -1.12 -0.60
C CYS B 170 28.11 -1.14 -0.77
N ALA B 171 28.78 -1.98 0.02
CA ALA B 171 30.23 -2.04 0.00
C ALA B 171 30.77 -2.91 -1.13
N GLY B 172 29.89 -3.52 -1.92
CA GLY B 172 30.28 -4.39 -3.00
C GLY B 172 29.58 -5.72 -2.89
N LEU B 173 29.87 -6.59 -3.86
CA LEU B 173 29.37 -7.95 -3.90
C LEU B 173 30.53 -8.92 -3.74
N VAL B 174 30.22 -10.10 -3.21
CA VAL B 174 31.14 -11.22 -3.25
C VAL B 174 30.37 -12.41 -3.78
N ILE B 175 30.90 -13.03 -4.83
CA ILE B 175 30.33 -14.29 -5.28
C ILE B 175 30.78 -15.35 -4.26
N GLY B 176 29.82 -15.90 -3.52
CA GLY B 176 30.14 -16.83 -2.43
C GLY B 176 30.77 -18.14 -2.88
N SER B 177 30.51 -18.57 -4.11
CA SER B 177 31.01 -19.85 -4.60
C SER B 177 31.20 -19.70 -6.10
N TRP B 178 32.45 -19.73 -6.56
CA TRP B 178 32.74 -19.52 -7.97
C TRP B 178 33.13 -20.84 -8.60
N PRO B 179 32.43 -21.26 -9.65
CA PRO B 179 32.61 -22.63 -10.16
C PRO B 179 33.86 -22.79 -10.99
N ASP B 180 34.28 -24.05 -11.12
CA ASP B 180 35.47 -24.43 -11.86
C ASP B 180 35.11 -25.58 -12.80
N PRO B 181 35.13 -25.38 -14.12
CA PRO B 181 35.31 -24.06 -14.74
C PRO B 181 33.98 -23.30 -14.66
N PRO B 182 33.98 -22.01 -14.92
CA PRO B 182 32.74 -21.24 -14.74
C PRO B 182 31.52 -21.81 -15.46
N GLY B 183 31.56 -21.83 -16.78
CA GLY B 183 30.34 -22.14 -17.51
C GLY B 183 29.67 -20.88 -18.02
N LEU B 184 28.83 -21.06 -19.05
CA LEU B 184 28.30 -19.92 -19.79
C LEU B 184 27.50 -18.99 -18.87
N VAL B 185 26.60 -19.57 -18.07
CA VAL B 185 25.74 -18.74 -17.23
C VAL B 185 26.55 -18.08 -16.12
N ALA B 186 27.42 -18.83 -15.45
CA ALA B 186 28.24 -18.24 -14.39
C ALA B 186 29.10 -17.11 -14.93
N ALA B 187 29.74 -17.33 -16.08
CA ALA B 187 30.58 -16.29 -16.67
C ALA B 187 29.76 -15.06 -17.03
N SER B 188 28.59 -15.29 -17.62
CA SER B 188 27.71 -14.17 -17.95
C SER B 188 27.25 -13.45 -16.69
N ASN B 189 26.89 -14.20 -15.65
CA ASN B 189 26.39 -13.54 -14.44
C ASN B 189 27.46 -12.69 -13.80
N ARG B 190 28.71 -13.16 -13.81
CA ARG B 190 29.78 -12.38 -13.19
C ARG B 190 29.97 -11.04 -13.89
N SER B 191 29.93 -11.04 -15.22
N SER B 191 29.95 -11.04 -15.22
CA SER B 191 30.03 -9.77 -15.93
CA SER B 191 30.03 -9.79 -15.96
C SER B 191 28.82 -8.89 -15.67
C SER B 191 28.82 -8.90 -15.67
N ALA B 192 27.62 -9.49 -15.65
CA ALA B 192 26.42 -8.72 -15.35
C ALA B 192 26.44 -8.19 -13.93
N LEU B 193 26.87 -9.00 -12.96
CA LEU B 193 26.95 -8.53 -11.59
C LEU B 193 27.90 -7.34 -11.46
N ALA B 194 29.06 -7.43 -12.13
CA ALA B 194 30.01 -6.32 -12.10
C ALA B 194 29.43 -5.05 -12.70
N ARG B 195 28.40 -5.15 -13.53
CA ARG B 195 27.77 -3.98 -14.08
C ARG B 195 26.81 -3.32 -13.10
N ILE B 196 26.39 -4.02 -12.04
CA ILE B 196 25.52 -3.37 -11.05
C ILE B 196 26.23 -3.00 -9.77
N ALA B 197 27.36 -3.64 -9.44
CA ALA B 197 28.13 -3.24 -8.28
C ALA B 197 29.54 -3.83 -8.36
N MET B 198 30.44 -3.28 -7.55
CA MET B 198 31.79 -3.83 -7.49
C MET B 198 31.76 -5.27 -6.98
N VAL B 199 32.37 -6.17 -7.72
CA VAL B 199 32.55 -7.55 -7.29
C VAL B 199 33.89 -7.63 -6.56
N ARG B 200 33.83 -7.70 -5.23
CA ARG B 200 35.04 -7.62 -4.41
C ARG B 200 35.84 -8.92 -4.43
N ALA B 201 35.17 -10.03 -4.65
CA ALA B 201 35.84 -11.32 -4.69
C ALA B 201 34.86 -12.34 -5.21
N ALA B 202 35.40 -13.46 -5.66
CA ALA B 202 34.60 -14.63 -6.03
C ALA B 202 35.32 -15.84 -5.43
N LEU B 203 34.80 -16.33 -4.31
CA LEU B 203 35.52 -17.38 -3.60
C LEU B 203 35.42 -18.70 -4.37
N PRO B 204 36.52 -19.43 -4.54
CA PRO B 204 36.45 -20.74 -5.20
C PRO B 204 35.46 -21.66 -4.50
N ALA B 205 34.66 -22.38 -5.29
CA ALA B 205 33.75 -23.36 -4.72
C ALA B 205 34.49 -24.31 -3.80
N GLY B 206 33.88 -24.63 -2.67
CA GLY B 206 34.48 -25.51 -1.68
C GLY B 206 35.39 -24.84 -0.68
N ALA B 207 35.53 -23.51 -0.73
CA ALA B 207 36.43 -22.82 0.18
C ALA B 207 36.08 -23.07 1.63
N ALA B 208 34.79 -23.31 1.94
CA ALA B 208 34.38 -23.42 3.33
C ALA B 208 34.97 -24.62 4.04
N SER B 209 35.48 -25.61 3.28
CA SER B 209 36.01 -26.85 3.84
C SER B 209 37.52 -26.83 4.03
N LEU B 210 38.18 -25.75 3.62
CA LEU B 210 39.64 -25.65 3.72
C LEU B 210 40.09 -25.62 5.18
N ASP B 211 41.35 -26.02 5.40
CA ASP B 211 41.95 -25.79 6.71
C ASP B 211 42.34 -24.32 6.84
N ALA B 212 42.71 -23.91 8.05
CA ALA B 212 42.96 -22.50 8.32
C ALA B 212 44.04 -21.93 7.43
N GLY B 213 45.12 -22.68 7.23
CA GLY B 213 46.22 -22.18 6.42
C GLY B 213 45.83 -21.95 4.98
N ASP B 214 45.24 -22.98 4.34
CA ASP B 214 44.76 -22.81 2.97
C ASP B 214 43.69 -21.73 2.87
N PHE B 215 42.85 -21.61 3.89
CA PHE B 215 41.79 -20.62 3.82
C PHE B 215 42.36 -19.20 3.86
N ALA B 216 43.39 -18.99 4.68
CA ALA B 216 44.01 -17.67 4.73
C ALA B 216 44.71 -17.32 3.42
N ALA B 217 45.30 -18.31 2.76
CA ALA B 217 45.94 -18.03 1.48
C ALA B 217 44.91 -17.71 0.42
N MET B 218 43.83 -18.49 0.41
CA MET B 218 42.70 -18.23 -0.47
C MET B 218 42.16 -16.82 -0.24
N SER B 219 41.95 -16.45 1.02
CA SER B 219 41.34 -15.16 1.34
C SER B 219 42.21 -13.99 0.91
N ALA B 220 43.51 -14.06 1.21
CA ALA B 220 44.41 -12.97 0.80
C ALA B 220 44.41 -12.79 -0.71
N ALA B 221 44.32 -13.89 -1.46
CA ALA B 221 44.25 -13.82 -2.91
C ALA B 221 42.87 -13.41 -3.41
N ALA B 222 41.82 -13.68 -2.63
CA ALA B 222 40.46 -13.45 -3.12
C ALA B 222 40.15 -11.97 -3.26
N PHE B 223 40.66 -11.15 -2.35
CA PHE B 223 40.27 -9.76 -2.24
C PHE B 223 41.40 -8.87 -2.74
N ASP B 224 41.02 -7.67 -3.17
CA ASP B 224 42.00 -6.65 -3.51
C ASP B 224 42.69 -6.14 -2.25
N ARG B 225 44.02 -6.12 -2.27
CA ARG B 225 44.78 -5.74 -1.08
C ARG B 225 44.44 -4.33 -0.65
N ASN B 226 44.47 -3.39 -1.58
CA ASN B 226 44.22 -2.00 -1.23
C ASN B 226 42.80 -1.80 -0.69
N TRP B 227 41.81 -2.45 -1.29
CA TRP B 227 40.44 -2.30 -0.81
C TRP B 227 40.30 -2.79 0.62
N VAL B 228 40.83 -3.98 0.90
CA VAL B 228 40.80 -4.50 2.27
C VAL B 228 41.50 -3.52 3.21
N ALA B 229 42.69 -3.05 2.81
CA ALA B 229 43.46 -2.16 3.69
C ALA B 229 42.73 -0.85 3.93
N GLY B 230 41.99 -0.35 2.94
CA GLY B 230 41.22 0.86 3.11
C GLY B 230 39.96 0.73 3.95
N LEU B 231 39.58 -0.49 4.35
CA LEU B 231 38.29 -0.67 5.02
C LEU B 231 38.23 0.05 6.37
N VAL B 232 39.38 0.22 7.02
CA VAL B 232 39.42 0.84 8.33
C VAL B 232 40.36 2.04 8.32
N HIS C 6 -9.84 -18.44 13.85
CA HIS C 6 -8.50 -18.17 14.35
C HIS C 6 -8.47 -16.89 15.19
N GLY C 7 -8.69 -17.05 16.50
CA GLY C 7 -8.62 -15.93 17.42
C GLY C 7 -9.97 -15.45 17.93
N GLY C 8 -10.13 -14.14 18.04
CA GLY C 8 -11.40 -13.57 18.47
C GLY C 8 -11.90 -12.52 17.50
N THR C 9 -12.83 -11.67 17.95
CA THR C 9 -13.35 -10.59 17.12
C THR C 9 -12.37 -9.41 17.12
N ILE C 10 -11.73 -9.17 15.98
CA ILE C 10 -11.05 -7.90 15.75
C ILE C 10 -12.04 -6.94 15.09
N LEU C 11 -12.02 -5.69 15.53
CA LEU C 11 -12.96 -4.69 15.05
C LEU C 11 -12.22 -3.37 14.96
N VAL C 12 -11.97 -2.89 13.74
CA VAL C 12 -11.38 -1.56 13.61
C VAL C 12 -12.46 -0.52 13.88
N VAL C 13 -12.06 0.52 14.59
CA VAL C 13 -12.94 1.63 14.92
C VAL C 13 -12.44 2.82 14.12
N THR C 14 -13.15 3.15 13.05
CA THR C 14 -12.71 4.20 12.18
C THR C 14 -13.71 5.36 12.27
N GLY C 15 -13.52 6.36 11.42
CA GLY C 15 -14.41 7.49 11.40
C GLY C 15 -14.51 8.06 10.00
N THR C 16 -15.54 8.88 9.82
CA THR C 16 -15.66 9.65 8.59
C THR C 16 -14.56 10.71 8.48
N GLY C 17 -13.89 11.01 9.58
CA GLY C 17 -12.81 11.97 9.54
C GLY C 17 -12.16 12.15 10.89
N THR C 18 -11.62 13.34 11.13
CA THR C 18 -10.89 13.62 12.35
C THR C 18 -11.80 14.27 13.37
N GLY C 19 -11.61 13.92 14.64
CA GLY C 19 -12.38 14.56 15.70
C GLY C 19 -13.86 14.27 15.65
N VAL C 20 -14.23 13.06 15.21
CA VAL C 20 -15.63 12.68 15.14
C VAL C 20 -16.07 11.88 16.38
N GLY C 21 -15.15 11.59 17.29
CA GLY C 21 -15.43 10.82 18.48
C GLY C 21 -14.94 9.38 18.46
N LYS C 22 -13.92 9.05 17.67
CA LYS C 22 -13.45 7.68 17.56
C LYS C 22 -12.99 7.15 18.92
N THR C 23 -12.18 7.93 19.64
CA THR C 23 -11.64 7.47 20.91
C THR C 23 -12.74 7.22 21.92
N VAL C 24 -13.70 8.14 22.03
CA VAL C 24 -14.76 7.99 23.00
C VAL C 24 -15.68 6.83 22.62
N VAL C 25 -15.91 6.62 21.32
CA VAL C 25 -16.71 5.47 20.89
C VAL C 25 -15.98 4.19 21.21
N CYS C 26 -14.68 4.13 20.93
N CYS C 26 -14.68 4.16 20.98
CA CYS C 26 -13.86 3.01 21.38
CA CYS C 26 -13.87 3.02 21.36
C CYS C 26 -14.11 2.73 22.85
C CYS C 26 -13.99 2.72 22.84
N ALA C 27 -13.99 3.78 23.67
CA ALA C 27 -14.17 3.61 25.11
C ALA C 27 -15.58 3.14 25.46
N ALA C 28 -16.59 3.71 24.81
CA ALA C 28 -17.97 3.35 25.14
C ALA C 28 -18.26 1.91 24.76
N LEU C 29 -17.76 1.46 23.60
CA LEU C 29 -17.94 0.07 23.23
C LEU C 29 -17.19 -0.85 24.19
N ALA C 30 -15.94 -0.50 24.51
CA ALA C 30 -15.14 -1.31 25.43
C ALA C 30 -15.82 -1.43 26.78
N SER C 31 -16.34 -0.32 27.30
CA SER C 31 -17.07 -0.37 28.56
C SER C 31 -18.32 -1.22 28.45
N ALA C 32 -19.08 -1.06 27.36
CA ALA C 32 -20.29 -1.85 27.17
C ALA C 32 -19.98 -3.33 27.03
N ALA C 33 -18.85 -3.66 26.39
CA ALA C 33 -18.43 -5.04 26.26
C ALA C 33 -17.87 -5.59 27.57
N ARG C 34 -17.03 -4.80 28.25
CA ARG C 34 -16.53 -5.18 29.56
C ARG C 34 -17.68 -5.51 30.50
N GLN C 35 -18.72 -4.67 30.51
CA GLN C 35 -19.88 -4.93 31.35
C GLN C 35 -20.70 -6.11 30.84
N ALA C 36 -20.65 -6.39 29.54
CA ALA C 36 -21.30 -7.57 29.01
C ALA C 36 -20.51 -8.85 29.27
N GLY C 37 -19.44 -8.77 30.06
CA GLY C 37 -18.62 -9.91 30.39
C GLY C 37 -17.57 -10.28 29.36
N ILE C 38 -17.32 -9.42 28.39
CA ILE C 38 -16.39 -9.71 27.32
C ILE C 38 -15.00 -9.19 27.69
N ASP C 39 -13.98 -9.95 27.29
CA ASP C 39 -12.59 -9.51 27.41
C ASP C 39 -12.27 -8.53 26.29
N VAL C 40 -11.76 -7.36 26.65
CA VAL C 40 -11.56 -6.27 25.68
C VAL C 40 -10.10 -5.83 25.71
N ALA C 41 -9.48 -5.81 24.54
CA ALA C 41 -8.22 -5.08 24.35
C ALA C 41 -8.46 -3.92 23.37
N VAL C 42 -7.63 -2.88 23.50
CA VAL C 42 -7.71 -1.73 22.61
C VAL C 42 -6.32 -1.43 22.08
N CYS C 43 -6.23 -1.32 20.75
CA CYS C 43 -4.97 -1.14 20.05
C CYS C 43 -5.01 0.17 19.28
N LYS C 44 -3.94 0.97 19.39
CA LYS C 44 -3.83 2.27 18.72
C LYS C 44 -2.50 2.26 17.99
N PRO C 45 -2.46 1.73 16.76
CA PRO C 45 -1.18 1.59 16.07
C PRO C 45 -0.46 2.91 15.84
N VAL C 46 -1.17 4.01 15.58
CA VAL C 46 -0.52 5.28 15.29
C VAL C 46 -1.17 6.39 16.11
N GLN C 47 -0.38 7.07 16.93
CA GLN C 47 -0.83 8.17 17.78
C GLN C 47 -0.04 9.41 17.39
N THR C 48 -0.75 10.48 17.04
CA THR C 48 -0.13 11.78 16.87
C THR C 48 -0.66 12.71 17.95
N GLY C 49 -0.17 13.94 17.97
CA GLY C 49 -0.68 14.92 18.91
C GLY C 49 -0.24 14.77 20.36
N THR C 50 0.82 14.02 20.64
CA THR C 50 1.26 13.97 22.03
C THR C 50 1.79 15.32 22.51
N ALA C 51 2.25 16.19 21.61
CA ALA C 51 2.67 17.55 22.01
C ALA C 51 1.53 18.36 22.62
N ARG C 52 0.28 18.01 22.35
CA ARG C 52 -0.84 18.71 22.98
C ARG C 52 -1.47 17.88 24.08
N GLY C 53 -0.89 16.73 24.40
CA GLY C 53 -1.37 15.89 25.48
C GLY C 53 -2.18 14.69 25.03
N ASP C 54 -2.31 14.47 23.72
CA ASP C 54 -3.11 13.36 23.22
C ASP C 54 -2.50 12.02 23.62
N ASP C 55 -3.36 11.13 24.12
CA ASP C 55 -2.97 9.73 24.29
C ASP C 55 -4.29 8.95 24.31
N ASP C 56 -4.69 8.46 23.13
CA ASP C 56 -6.01 7.85 23.01
C ASP C 56 -6.14 6.57 23.85
N LEU C 57 -5.09 5.75 23.89
CA LEU C 57 -5.11 4.59 24.77
C LEU C 57 -5.34 4.98 26.23
N ALA C 58 -4.64 6.00 26.72
CA ALA C 58 -4.81 6.41 28.11
C ALA C 58 -6.24 6.88 28.37
N GLU C 59 -6.84 7.56 27.39
CA GLU C 59 -8.20 8.04 27.55
C GLU C 59 -9.19 6.88 27.64
N VAL C 60 -9.00 5.87 26.77
CA VAL C 60 -9.85 4.68 26.82
C VAL C 60 -9.68 3.95 28.15
N GLY C 61 -8.42 3.77 28.58
CA GLY C 61 -8.19 3.17 29.89
C GLY C 61 -8.93 3.91 30.99
N ARG C 62 -8.80 5.23 31.02
CA ARG C 62 -9.44 6.02 32.06
C ARG C 62 -10.96 5.93 31.99
N LEU C 63 -11.53 5.99 30.78
CA LEU C 63 -12.98 6.06 30.64
C LEU C 63 -13.65 4.72 30.88
N ALA C 64 -13.08 3.65 30.37
CA ALA C 64 -13.74 2.36 30.33
C ALA C 64 -13.10 1.33 31.26
N GLY C 65 -11.92 1.61 31.80
CA GLY C 65 -11.24 0.67 32.65
C GLY C 65 -10.45 -0.38 31.92
N VAL C 66 -10.20 -0.20 30.63
CA VAL C 66 -9.42 -1.16 29.86
C VAL C 66 -7.95 -1.06 30.28
N THR C 67 -7.37 -2.19 30.66
CA THR C 67 -5.95 -2.26 30.95
C THR C 67 -5.16 -2.91 29.83
N GLN C 68 -5.82 -3.73 29.01
CA GLN C 68 -5.15 -4.31 27.84
C GLN C 68 -5.14 -3.27 26.73
N LEU C 69 -4.13 -2.41 26.80
CA LEU C 69 -3.96 -1.29 25.89
C LEU C 69 -2.63 -1.43 25.17
N ALA C 70 -2.65 -1.37 23.84
CA ALA C 70 -1.45 -1.62 23.04
C ALA C 70 -1.27 -0.49 22.04
N GLY C 71 -0.13 0.19 22.11
CA GLY C 71 0.26 1.17 21.13
C GLY C 71 1.44 0.70 20.30
N LEU C 72 1.96 1.63 19.49
CA LEU C 72 3.12 1.34 18.65
C LEU C 72 3.84 2.63 18.29
N ALA C 73 3.37 3.33 17.27
CA ALA C 73 4.02 4.55 16.80
C ALA C 73 3.39 5.77 17.46
N ARG C 74 4.23 6.72 17.84
CA ARG C 74 3.77 7.91 18.55
C ARG C 74 4.57 9.11 18.06
N TYR C 75 3.86 10.18 17.73
CA TYR C 75 4.46 11.39 17.20
C TYR C 75 3.88 12.59 17.91
N PRO C 76 4.67 13.64 18.08
CA PRO C 76 4.21 14.78 18.88
C PRO C 76 3.12 15.62 18.23
N GLN C 77 3.30 15.98 16.95
CA GLN C 77 2.44 17.03 16.42
C GLN C 77 1.04 16.48 16.09
N PRO C 78 0.00 17.26 16.34
CA PRO C 78 -1.37 16.80 16.03
C PRO C 78 -1.68 17.03 14.56
N MET C 79 -1.10 16.13 13.74
CA MET C 79 -1.29 16.13 12.29
C MET C 79 -1.59 14.70 11.84
N ALA C 80 -1.86 14.56 10.56
CA ALA C 80 -1.98 13.24 9.95
C ALA C 80 -0.74 12.42 10.29
N PRO C 81 -0.87 11.11 10.47
CA PRO C 81 0.31 10.30 10.79
C PRO C 81 1.53 10.58 9.92
N ALA C 82 1.35 10.74 8.60
CA ALA C 82 2.50 10.94 7.73
C ALA C 82 3.19 12.27 8.02
N ALA C 83 2.41 13.35 8.13
CA ALA C 83 3.01 14.66 8.39
C ALA C 83 3.59 14.74 9.79
N ALA C 84 2.97 14.07 10.76
CA ALA C 84 3.52 14.06 12.11
C ALA C 84 4.85 13.32 12.16
N ALA C 85 4.96 12.20 11.44
CA ALA C 85 6.21 11.46 11.39
C ALA C 85 7.30 12.28 10.73
N GLU C 86 7.00 12.90 9.58
CA GLU C 86 7.97 13.72 8.89
C GLU C 86 8.41 14.90 9.77
N HIS C 87 7.47 15.50 10.48
CA HIS C 87 7.82 16.61 11.36
C HIS C 87 8.78 16.14 12.44
N ALA C 88 8.58 14.93 12.95
CA ALA C 88 9.40 14.36 14.01
C ALA C 88 10.69 13.73 13.47
N GLY C 89 10.96 13.87 12.18
CA GLY C 89 12.10 13.18 11.59
C GLY C 89 12.06 11.69 11.82
N MET C 90 10.86 11.12 11.83
CA MET C 90 10.66 9.71 12.09
C MET C 90 9.87 9.09 10.96
N ALA C 91 9.87 7.76 10.94
CA ALA C 91 9.20 7.00 9.91
C ALA C 91 7.87 6.47 10.43
N LEU C 92 6.91 6.36 9.53
CA LEU C 92 5.67 5.66 9.87
C LEU C 92 6.00 4.21 10.15
N PRO C 93 5.21 3.52 10.98
CA PRO C 93 5.42 2.08 11.14
C PRO C 93 5.32 1.37 9.81
N ALA C 94 5.70 0.10 9.80
CA ALA C 94 5.49 -0.72 8.63
C ALA C 94 4.19 -1.49 8.78
N ARG C 95 3.61 -1.85 7.63
CA ARG C 95 2.30 -2.50 7.64
C ARG C 95 2.30 -3.75 8.52
N ASP C 96 3.24 -4.67 8.28
CA ASP C 96 3.17 -5.91 9.06
C ASP C 96 3.54 -5.68 10.52
N GLN C 97 4.23 -4.57 10.83
CA GLN C 97 4.36 -4.15 12.23
C GLN C 97 2.99 -3.92 12.85
N ILE C 98 2.16 -3.10 12.21
CA ILE C 98 0.78 -2.89 12.68
C ILE C 98 0.04 -4.21 12.73
N VAL C 99 0.17 -5.03 11.70
CA VAL C 99 -0.55 -6.29 11.67
C VAL C 99 -0.08 -7.20 12.79
N ARG C 100 1.23 -7.32 12.98
CA ARG C 100 1.75 -8.18 14.04
C ARG C 100 1.27 -7.70 15.41
N LEU C 101 1.36 -6.40 15.66
CA LEU C 101 0.84 -5.84 16.91
C LEU C 101 -0.60 -6.26 17.14
N ILE C 102 -1.43 -6.17 16.10
CA ILE C 102 -2.84 -6.52 16.24
C ILE C 102 -3.00 -8.02 16.47
N ALA C 103 -2.22 -8.83 15.76
CA ALA C 103 -2.35 -10.28 15.87
C ALA C 103 -1.98 -10.75 17.26
N ASP C 104 -0.84 -10.28 17.79
CA ASP C 104 -0.41 -10.67 19.13
C ASP C 104 -1.47 -10.34 20.18
N LEU C 105 -2.26 -9.30 19.96
CA LEU C 105 -3.35 -8.96 20.87
C LEU C 105 -4.54 -9.89 20.71
N ASP C 106 -4.80 -10.37 19.50
CA ASP C 106 -6.02 -11.15 19.26
C ASP C 106 -5.89 -12.53 19.88
N ARG C 107 -6.95 -12.95 20.57
CA ARG C 107 -7.00 -14.26 21.18
C ARG C 107 -8.46 -14.62 21.38
N PRO C 108 -8.80 -15.92 21.46
CA PRO C 108 -10.20 -16.32 21.49
C PRO C 108 -10.97 -15.72 22.67
N GLY C 109 -12.22 -15.36 22.41
CA GLY C 109 -13.09 -14.75 23.40
C GLY C 109 -12.87 -13.27 23.64
N ARG C 110 -11.88 -12.66 22.98
CA ARG C 110 -11.52 -11.26 23.24
C ARG C 110 -11.94 -10.37 22.08
N LEU C 111 -12.81 -9.40 22.38
CA LEU C 111 -13.08 -8.29 21.47
C LEU C 111 -11.89 -7.34 21.48
N THR C 112 -11.15 -7.30 20.39
CA THR C 112 -10.03 -6.38 20.22
C THR C 112 -10.48 -5.23 19.32
N LEU C 113 -10.45 -4.01 19.87
CA LEU C 113 -10.74 -2.81 19.10
C LEU C 113 -9.43 -2.18 18.66
N VAL C 114 -9.38 -1.74 17.41
CA VAL C 114 -8.18 -1.10 16.86
C VAL C 114 -8.59 0.26 16.31
N GLU C 115 -8.04 1.31 16.89
CA GLU C 115 -8.50 2.67 16.63
C GLU C 115 -7.59 3.31 15.61
N GLY C 116 -8.17 3.79 14.52
CA GLY C 116 -7.39 4.46 13.51
C GLY C 116 -7.08 5.90 13.89
N ALA C 117 -6.39 6.58 12.99
CA ALA C 117 -6.11 8.00 13.12
C ALA C 117 -6.82 8.73 12.00
N GLY C 118 -7.63 9.74 12.35
CA GLY C 118 -8.42 10.35 11.32
C GLY C 118 -9.39 9.36 10.69
N GLY C 119 -9.68 9.58 9.41
CA GLY C 119 -10.65 8.78 8.69
C GLY C 119 -10.06 7.49 8.15
N LEU C 120 -10.86 6.81 7.32
CA LEU C 120 -10.53 5.44 6.92
C LEU C 120 -9.33 5.38 5.99
N LEU C 121 -9.20 6.32 5.05
CA LEU C 121 -8.16 6.25 4.04
C LEU C 121 -6.90 7.03 4.42
N VAL C 122 -6.76 7.38 5.69
CA VAL C 122 -5.54 8.03 6.18
C VAL C 122 -4.39 7.04 6.14
N GLU C 123 -3.25 7.48 5.58
CA GLU C 123 -2.06 6.64 5.53
C GLU C 123 -1.52 6.39 6.93
N LEU C 124 -1.52 5.12 7.36
CA LEU C 124 -0.94 4.71 8.62
C LEU C 124 0.45 4.12 8.50
N ALA C 125 0.83 3.62 7.33
CA ALA C 125 2.14 3.02 7.11
C ALA C 125 2.52 3.24 5.65
N GLU C 126 3.83 3.33 5.40
N GLU C 126 3.83 3.29 5.42
CA GLU C 126 4.26 3.55 4.03
CA GLU C 126 4.35 3.45 4.05
C GLU C 126 4.13 2.27 3.21
C GLU C 126 4.06 2.19 3.23
N PRO C 127 3.68 2.35 1.95
CA PRO C 127 3.34 3.60 1.28
C PRO C 127 1.85 3.70 0.91
N GLY C 128 1.07 4.41 1.71
CA GLY C 128 -0.35 4.49 1.48
C GLY C 128 -1.15 3.40 2.15
N VAL C 129 -0.57 2.70 3.12
CA VAL C 129 -1.25 1.61 3.81
C VAL C 129 -2.18 2.22 4.86
N THR C 130 -3.46 1.86 4.80
CA THR C 130 -4.49 2.51 5.60
C THR C 130 -5.12 1.52 6.57
N LEU C 131 -5.99 2.06 7.43
CA LEU C 131 -6.75 1.21 8.33
C LEU C 131 -7.68 0.27 7.58
N ARG C 132 -8.07 0.61 6.35
CA ARG C 132 -8.89 -0.31 5.56
C ARG C 132 -8.08 -1.55 5.20
N ASP C 133 -6.85 -1.35 4.72
CA ASP C 133 -5.94 -2.44 4.42
C ASP C 133 -5.70 -3.32 5.64
N VAL C 134 -5.52 -2.71 6.79
CA VAL C 134 -5.27 -3.48 8.02
C VAL C 134 -6.50 -4.30 8.37
N ALA C 135 -7.69 -3.72 8.20
CA ALA C 135 -8.90 -4.48 8.46
C ALA C 135 -8.99 -5.68 7.51
N VAL C 136 -8.58 -5.50 6.26
CA VAL C 136 -8.53 -6.63 5.33
C VAL C 136 -7.58 -7.70 5.86
N ASP C 137 -6.36 -7.31 6.22
CA ASP C 137 -5.35 -8.29 6.61
C ASP C 137 -5.80 -9.10 7.82
N VAL C 138 -6.37 -8.44 8.83
CA VAL C 138 -6.77 -9.13 10.06
C VAL C 138 -8.21 -9.59 9.99
N ALA C 139 -8.87 -9.42 8.84
CA ALA C 139 -10.26 -9.84 8.63
C ALA C 139 -11.18 -9.22 9.68
N ALA C 140 -10.99 -7.93 9.95
CA ALA C 140 -11.82 -7.20 10.89
C ALA C 140 -12.93 -6.46 10.16
N ALA C 141 -14.13 -6.48 10.74
CA ALA C 141 -15.18 -5.55 10.33
C ALA C 141 -14.76 -4.13 10.70
N ALA C 142 -15.57 -3.14 10.31
CA ALA C 142 -15.27 -1.75 10.63
C ALA C 142 -16.48 -1.12 11.28
N LEU C 143 -16.29 -0.57 12.48
CA LEU C 143 -17.27 0.30 13.10
C LEU C 143 -16.89 1.74 12.75
N VAL C 144 -17.82 2.45 12.12
CA VAL C 144 -17.57 3.78 11.57
C VAL C 144 -18.21 4.81 12.49
N VAL C 145 -17.39 5.68 13.05
CA VAL C 145 -17.88 6.77 13.87
C VAL C 145 -18.21 7.95 12.95
N VAL C 146 -19.40 8.51 13.12
CA VAL C 146 -19.91 9.58 12.30
C VAL C 146 -20.38 10.70 13.22
N THR C 147 -20.57 11.88 12.64
CA THR C 147 -21.19 12.97 13.37
C THR C 147 -22.68 13.06 13.00
N ALA C 148 -23.42 13.84 13.79
CA ALA C 148 -24.78 14.21 13.46
C ALA C 148 -24.86 15.53 12.71
N ASP C 149 -23.72 16.08 12.30
CA ASP C 149 -23.66 17.43 11.77
C ASP C 149 -23.79 17.43 10.24
N LEU C 150 -24.18 18.59 9.71
CA LEU C 150 -24.16 18.83 8.28
C LEU C 150 -22.88 18.27 7.66
N GLY C 151 -23.03 17.47 6.62
CA GLY C 151 -21.91 16.87 5.94
C GLY C 151 -21.75 15.40 6.24
N THR C 152 -22.39 14.91 7.30
CA THR C 152 -22.17 13.53 7.71
C THR C 152 -22.68 12.54 6.67
N LEU C 153 -23.75 12.88 5.93
CA LEU C 153 -24.31 11.90 5.01
C LEU C 153 -23.33 11.56 3.90
N ASN C 154 -22.80 12.57 3.24
CA ASN C 154 -21.80 12.36 2.21
C ASN C 154 -20.60 11.58 2.75
N HIS C 155 -20.06 12.02 3.89
CA HIS C 155 -18.86 11.39 4.41
C HIS C 155 -19.12 9.95 4.84
N THR C 156 -20.31 9.69 5.37
CA THR C 156 -20.65 8.31 5.74
C THR C 156 -20.78 7.44 4.51
N LYS C 157 -21.54 7.90 3.51
CA LYS C 157 -21.69 7.13 2.27
C LYS C 157 -20.34 6.89 1.62
N LEU C 158 -19.48 7.91 1.62
CA LEU C 158 -18.15 7.77 1.03
C LEU C 158 -17.34 6.71 1.76
N THR C 159 -17.39 6.73 3.09
CA THR C 159 -16.63 5.76 3.87
C THR C 159 -17.17 4.35 3.66
N LEU C 160 -18.49 4.19 3.69
CA LEU C 160 -19.09 2.89 3.45
C LEU C 160 -18.74 2.35 2.06
N GLU C 161 -18.77 3.21 1.03
CA GLU C 161 -18.35 2.74 -0.28
C GLU C 161 -16.90 2.24 -0.24
N ALA C 162 -16.02 2.97 0.44
CA ALA C 162 -14.62 2.56 0.50
C ALA C 162 -14.47 1.24 1.25
N LEU C 163 -15.27 1.02 2.30
CA LEU C 163 -15.26 -0.25 2.99
C LEU C 163 -15.72 -1.38 2.07
N ALA C 164 -16.90 -1.22 1.45
CA ALA C 164 -17.42 -2.26 0.57
C ALA C 164 -16.50 -2.52 -0.62
N ALA C 165 -15.76 -1.50 -1.08
CA ALA C 165 -14.88 -1.68 -2.24
C ALA C 165 -13.80 -2.72 -1.97
N GLN C 166 -13.44 -2.95 -0.71
CA GLN C 166 -12.47 -3.97 -0.35
C GLN C 166 -13.09 -5.04 0.54
N GLN C 167 -14.41 -5.17 0.49
CA GLN C 167 -15.17 -6.22 1.18
C GLN C 167 -14.94 -6.18 2.69
N VAL C 168 -14.71 -4.99 3.26
CA VAL C 168 -14.60 -4.85 4.69
C VAL C 168 -16.01 -4.64 5.23
N SER C 169 -16.49 -5.61 6.02
CA SER C 169 -17.84 -5.53 6.52
C SER C 169 -17.96 -4.36 7.48
N CYS C 170 -19.10 -3.66 7.40
CA CYS C 170 -19.35 -2.52 8.27
C CYS C 170 -20.19 -3.02 9.45
N ALA C 171 -19.61 -2.97 10.65
CA ALA C 171 -20.31 -3.39 11.87
C ALA C 171 -21.39 -2.41 12.28
N GLY C 172 -21.48 -1.25 11.63
CA GLY C 172 -22.47 -0.26 11.95
C GLY C 172 -21.85 1.11 12.11
N LEU C 173 -22.70 2.06 12.49
CA LEU C 173 -22.30 3.43 12.74
C LEU C 173 -22.47 3.76 14.22
N VAL C 174 -21.61 4.63 14.73
CA VAL C 174 -21.85 5.29 16.00
C VAL C 174 -21.74 6.79 15.79
N ILE C 175 -22.79 7.52 16.15
CA ILE C 175 -22.77 8.97 16.21
C ILE C 175 -21.92 9.36 17.41
N GLY C 176 -20.78 10.01 17.15
CA GLY C 176 -19.82 10.24 18.23
C GLY C 176 -20.30 11.21 19.28
N SER C 177 -21.24 12.08 18.92
CA SER C 177 -21.81 13.02 19.89
C SER C 177 -23.23 13.34 19.46
N TRP C 178 -24.18 13.08 20.35
CA TRP C 178 -25.59 13.24 20.04
C TRP C 178 -26.15 14.38 20.86
N PRO C 179 -26.58 15.48 20.24
CA PRO C 179 -27.10 16.61 21.01
C PRO C 179 -28.41 16.28 21.67
N ASP C 180 -28.64 16.87 22.84
CA ASP C 180 -29.91 16.66 23.53
C ASP C 180 -30.45 17.99 24.03
N PRO C 181 -31.55 18.49 23.44
CA PRO C 181 -32.32 17.84 22.38
C PRO C 181 -31.73 18.05 20.98
N PRO C 182 -31.98 17.12 20.06
CA PRO C 182 -31.44 17.26 18.71
C PRO C 182 -32.21 18.30 17.90
N GLY C 183 -31.46 19.09 17.13
CA GLY C 183 -32.06 20.02 16.19
C GLY C 183 -32.58 19.31 14.95
N LEU C 184 -33.11 20.13 14.04
CA LEU C 184 -33.64 19.59 12.78
C LEU C 184 -32.59 18.81 12.01
N VAL C 185 -31.40 19.40 11.85
CA VAL C 185 -30.33 18.75 11.08
C VAL C 185 -29.93 17.43 11.74
N ALA C 186 -29.65 17.47 13.03
CA ALA C 186 -29.20 16.27 13.73
C ALA C 186 -30.25 15.17 13.64
N ALA C 187 -31.51 15.52 13.94
CA ALA C 187 -32.59 14.54 13.87
C ALA C 187 -32.73 14.01 12.45
N SER C 188 -32.70 14.90 11.45
CA SER C 188 -32.79 14.43 10.08
C SER C 188 -31.62 13.51 9.76
N ASN C 189 -30.42 13.89 10.17
CA ASN C 189 -29.25 13.10 9.83
C ASN C 189 -29.33 11.72 10.46
N ARG C 190 -29.87 11.63 11.68
CA ARG C 190 -29.90 10.32 12.34
C ARG C 190 -30.85 9.37 11.61
N SER C 191 -32.03 9.87 11.22
CA SER C 191 -32.91 9.06 10.37
C SER C 191 -32.20 8.66 9.09
N ALA C 192 -31.51 9.60 8.44
CA ALA C 192 -30.86 9.29 7.18
C ALA C 192 -29.74 8.28 7.36
N LEU C 193 -28.96 8.42 8.44
CA LEU C 193 -27.89 7.49 8.71
C LEU C 193 -28.43 6.08 8.97
N ALA C 194 -29.54 5.98 9.68
CA ALA C 194 -30.12 4.67 9.96
C ALA C 194 -30.59 3.97 8.70
N ARG C 195 -30.96 4.74 7.66
CA ARG C 195 -31.27 4.14 6.37
C ARG C 195 -30.04 3.64 5.65
N ILE C 196 -28.87 4.17 5.99
CA ILE C 196 -27.63 3.80 5.32
C ILE C 196 -26.97 2.60 5.98
N ALA C 197 -27.10 2.47 7.30
CA ALA C 197 -26.44 1.42 8.06
C ALA C 197 -27.05 1.40 9.44
N MET C 198 -26.70 0.35 10.20
CA MET C 198 -27.18 0.20 11.57
C MET C 198 -26.49 1.21 12.48
N VAL C 199 -27.27 2.08 13.13
CA VAL C 199 -26.74 3.04 14.09
C VAL C 199 -26.69 2.31 15.43
N ARG C 200 -25.53 1.74 15.74
CA ARG C 200 -25.38 0.97 16.97
C ARG C 200 -25.60 1.83 18.20
N ALA C 201 -25.15 3.09 18.16
CA ALA C 201 -25.23 3.95 19.33
C ALA C 201 -25.14 5.40 18.90
N ALA C 202 -25.62 6.28 19.77
CA ALA C 202 -25.48 7.72 19.60
C ALA C 202 -25.05 8.26 20.97
N LEU C 203 -23.74 8.43 21.15
CA LEU C 203 -23.22 8.79 22.45
C LEU C 203 -23.67 10.20 22.83
N PRO C 204 -24.28 10.38 24.01
CA PRO C 204 -24.63 11.73 24.45
C PRO C 204 -23.43 12.65 24.36
N ALA C 205 -23.68 13.89 23.96
CA ALA C 205 -22.61 14.89 23.99
C ALA C 205 -22.05 14.98 25.40
N GLY C 206 -20.75 15.21 25.50
CA GLY C 206 -20.12 15.26 26.80
C GLY C 206 -19.78 13.91 27.39
N ALA C 207 -19.98 12.82 26.64
CA ALA C 207 -19.59 11.50 27.12
C ALA C 207 -18.12 11.47 27.51
N ALA C 208 -17.27 12.13 26.71
CA ALA C 208 -15.82 12.13 26.96
C ALA C 208 -15.46 12.69 28.32
N SER C 209 -16.31 13.52 28.91
CA SER C 209 -16.00 14.15 30.19
C SER C 209 -16.55 13.41 31.39
N LEU C 210 -17.18 12.24 31.20
CA LEU C 210 -17.80 11.54 32.30
C LEU C 210 -16.77 10.81 33.15
N ASP C 211 -17.10 10.63 34.42
CA ASP C 211 -16.25 9.81 35.27
C ASP C 211 -16.54 8.33 34.99
N ALA C 212 -15.71 7.44 35.54
CA ALA C 212 -15.76 6.04 35.13
C ALA C 212 -17.14 5.42 35.33
N GLY C 213 -17.79 5.71 36.47
CA GLY C 213 -19.10 5.13 36.74
C GLY C 213 -20.19 5.72 35.87
N ASP C 214 -20.18 7.04 35.68
CA ASP C 214 -21.13 7.64 34.76
C ASP C 214 -20.88 7.16 33.34
N PHE C 215 -19.61 6.97 32.96
CA PHE C 215 -19.29 6.54 31.61
C PHE C 215 -19.73 5.10 31.37
N ALA C 216 -19.55 4.22 32.35
CA ALA C 216 -20.05 2.85 32.20
C ALA C 216 -21.57 2.82 32.16
N ALA C 217 -22.22 3.69 32.93
CA ALA C 217 -23.67 3.78 32.86
C ALA C 217 -24.12 4.28 31.50
N MET C 218 -23.50 5.36 31.00
CA MET C 218 -23.79 5.83 29.65
C MET C 218 -23.53 4.73 28.63
N SER C 219 -22.36 4.08 28.71
CA SER C 219 -21.99 3.09 27.71
C SER C 219 -22.98 1.95 27.65
N ALA C 220 -23.39 1.42 28.82
CA ALA C 220 -24.30 0.29 28.84
C ALA C 220 -25.66 0.67 28.25
N ALA C 221 -26.12 1.89 28.51
CA ALA C 221 -27.38 2.38 27.95
C ALA C 221 -27.26 2.82 26.50
N ALA C 222 -26.04 3.00 25.98
CA ALA C 222 -25.88 3.52 24.62
C ALA C 222 -26.03 2.44 23.57
N PHE C 223 -25.53 1.24 23.85
CA PHE C 223 -25.62 0.12 22.93
C PHE C 223 -26.71 -0.86 23.35
N ASP C 224 -27.06 -1.74 22.42
CA ASP C 224 -27.85 -2.92 22.72
C ASP C 224 -26.89 -4.02 23.16
N ARG C 225 -27.13 -4.58 24.36
CA ARG C 225 -26.21 -5.60 24.88
C ARG C 225 -26.20 -6.84 23.99
N ASN C 226 -27.35 -7.20 23.41
CA ASN C 226 -27.38 -8.39 22.57
C ASN C 226 -26.44 -8.24 21.38
N TRP C 227 -26.42 -7.05 20.75
CA TRP C 227 -25.43 -6.81 19.71
C TRP C 227 -24.03 -6.89 20.28
N VAL C 228 -23.78 -6.17 21.39
CA VAL C 228 -22.44 -6.17 21.97
C VAL C 228 -22.02 -7.58 22.36
N ALA C 229 -22.89 -8.28 23.08
CA ALA C 229 -22.56 -9.64 23.51
C ALA C 229 -22.38 -10.58 22.32
N GLY C 230 -23.14 -10.34 21.24
CA GLY C 230 -23.01 -11.13 20.03
C GLY C 230 -21.79 -10.83 19.19
N LEU C 231 -20.94 -9.88 19.62
CA LEU C 231 -19.78 -9.53 18.82
C LEU C 231 -18.70 -10.59 18.88
N VAL C 232 -18.64 -11.35 19.97
CA VAL C 232 -17.69 -12.45 20.08
C VAL C 232 -18.48 -13.75 20.24
N GLY C 233 -17.96 -14.82 19.64
CA GLY C 233 -18.56 -16.14 19.75
C GLY C 233 -18.19 -16.91 21.00
N HIS D 6 -20.80 16.62 -31.17
CA HIS D 6 -19.94 16.34 -30.02
C HIS D 6 -20.34 17.17 -28.78
N GLY D 7 -20.95 18.33 -29.03
CA GLY D 7 -21.34 19.21 -27.95
C GLY D 7 -20.18 20.07 -27.44
N GLY D 8 -20.36 20.58 -26.24
CA GLY D 8 -19.31 21.32 -25.55
C GLY D 8 -18.62 20.47 -24.51
N THR D 9 -18.25 21.11 -23.41
CA THR D 9 -17.68 20.40 -22.27
C THR D 9 -18.59 20.59 -21.05
N ILE D 10 -18.98 19.47 -20.46
CA ILE D 10 -19.67 19.46 -19.18
C ILE D 10 -18.67 19.05 -18.10
N LEU D 11 -18.52 19.90 -17.09
CA LEU D 11 -17.63 19.65 -15.96
C LEU D 11 -18.46 19.77 -14.70
N VAL D 12 -18.58 18.70 -13.92
CA VAL D 12 -19.21 18.89 -12.62
C VAL D 12 -18.16 19.40 -11.65
N VAL D 13 -18.57 20.33 -10.81
CA VAL D 13 -17.72 20.84 -9.74
C VAL D 13 -18.26 20.29 -8.45
N THR D 14 -17.55 19.36 -7.87
CA THR D 14 -18.00 18.79 -6.62
C THR D 14 -17.00 19.19 -5.55
N GLY D 15 -17.10 18.56 -4.39
CA GLY D 15 -16.20 18.90 -3.31
C GLY D 15 -16.18 17.73 -2.35
N THR D 16 -15.22 17.79 -1.43
CA THR D 16 -15.09 16.75 -0.42
C THR D 16 -16.20 16.79 0.61
N GLY D 17 -16.94 17.89 0.70
CA GLY D 17 -17.99 17.98 1.69
C GLY D 17 -18.80 19.24 1.53
N THR D 18 -19.38 19.72 2.63
CA THR D 18 -20.15 20.95 2.60
C THR D 18 -19.32 22.12 3.10
N GLY D 19 -19.48 23.26 2.43
CA GLY D 19 -18.80 24.48 2.87
C GLY D 19 -17.30 24.43 2.67
N VAL D 20 -16.85 23.87 1.54
CA VAL D 20 -15.44 23.75 1.22
C VAL D 20 -15.02 24.69 0.12
N GLY D 21 -15.94 25.51 -0.37
CA GLY D 21 -15.63 26.49 -1.39
C GLY D 21 -16.04 26.10 -2.79
N LYS D 22 -16.97 25.16 -2.94
CA LYS D 22 -17.36 24.70 -4.27
C LYS D 22 -17.84 25.86 -5.14
N THR D 23 -18.71 26.70 -4.60
CA THR D 23 -19.33 27.74 -5.42
C THR D 23 -18.31 28.79 -5.84
N VAL D 24 -17.44 29.22 -4.93
CA VAL D 24 -16.46 30.22 -5.29
C VAL D 24 -15.49 29.65 -6.30
N VAL D 25 -15.17 28.36 -6.18
CA VAL D 25 -14.36 27.72 -7.21
C VAL D 25 -15.11 27.70 -8.54
N CYS D 26 -16.40 27.36 -8.51
N CYS D 26 -16.40 27.40 -8.50
CA CYS D 26 -17.21 27.46 -9.72
CA CYS D 26 -17.20 27.43 -9.72
C CYS D 26 -17.05 28.82 -10.37
C CYS D 26 -17.15 28.81 -10.37
N ALA D 27 -17.25 29.87 -9.56
CA ALA D 27 -17.15 31.23 -10.10
C ALA D 27 -15.75 31.50 -10.64
N ALA D 28 -14.73 31.11 -9.88
CA ALA D 28 -13.35 31.38 -10.29
C ALA D 28 -13.02 30.70 -11.60
N LEU D 29 -13.35 29.40 -11.70
CA LEU D 29 -13.19 28.70 -12.96
C LEU D 29 -13.99 29.35 -14.08
N ALA D 30 -15.23 29.74 -13.79
CA ALA D 30 -16.05 30.39 -14.80
C ALA D 30 -15.42 31.71 -15.25
N SER D 31 -14.94 32.51 -14.31
CA SER D 31 -14.28 33.76 -14.67
C SER D 31 -13.02 33.52 -15.50
N ALA D 32 -12.22 32.53 -15.11
CA ALA D 32 -11.00 32.23 -15.87
C ALA D 32 -11.35 31.76 -17.27
N ALA D 33 -12.36 30.90 -17.39
CA ALA D 33 -12.79 30.46 -18.71
C ALA D 33 -13.32 31.62 -19.54
N ARG D 34 -14.15 32.47 -18.94
CA ARG D 34 -14.69 33.60 -19.69
C ARG D 34 -13.58 34.52 -20.16
N GLN D 35 -12.58 34.76 -19.31
CA GLN D 35 -11.44 35.57 -19.71
C GLN D 35 -10.60 34.88 -20.76
N ALA D 36 -10.68 33.56 -20.87
CA ALA D 36 -10.03 32.85 -21.97
C ALA D 36 -10.91 32.80 -23.21
N GLY D 37 -11.97 33.59 -23.27
CA GLY D 37 -12.83 33.60 -24.44
C GLY D 37 -13.81 32.47 -24.53
N ILE D 38 -14.07 31.77 -23.43
CA ILE D 38 -14.98 30.62 -23.42
C ILE D 38 -16.32 31.05 -22.89
N ASP D 39 -17.40 30.68 -23.59
CA ASP D 39 -18.74 30.87 -23.09
C ASP D 39 -18.99 29.89 -21.94
N VAL D 40 -19.54 30.37 -20.84
CA VAL D 40 -19.70 29.56 -19.65
C VAL D 40 -21.16 29.53 -19.26
N ALA D 41 -21.67 28.34 -18.96
CA ALA D 41 -22.97 28.18 -18.32
C ALA D 41 -22.75 27.44 -17.02
N VAL D 42 -23.55 27.76 -16.02
CA VAL D 42 -23.51 27.08 -14.73
C VAL D 42 -24.89 26.53 -14.42
N CYS D 43 -24.95 25.23 -14.14
CA CYS D 43 -26.19 24.57 -13.77
C CYS D 43 -26.05 24.16 -12.32
N LYS D 44 -26.97 24.63 -11.48
CA LYS D 44 -27.08 24.17 -10.10
C LYS D 44 -28.51 23.70 -9.94
N PRO D 45 -28.77 22.43 -10.21
CA PRO D 45 -30.16 21.97 -10.25
C PRO D 45 -30.91 22.19 -8.96
N VAL D 46 -30.24 22.06 -7.82
CA VAL D 46 -30.90 22.10 -6.52
C VAL D 46 -30.16 23.07 -5.62
N GLN D 47 -30.89 24.07 -5.11
CA GLN D 47 -30.36 25.02 -4.14
C GLN D 47 -31.13 24.84 -2.85
N THR D 48 -30.42 24.66 -1.73
CA THR D 48 -31.08 24.70 -0.44
C THR D 48 -30.61 25.93 0.34
N GLY D 49 -31.11 26.08 1.56
CA GLY D 49 -30.75 27.23 2.37
C GLY D 49 -31.23 28.55 1.81
N THR D 50 -32.34 28.56 1.08
CA THR D 50 -32.79 29.82 0.50
C THR D 50 -33.37 30.77 1.54
N ALA D 51 -33.95 30.24 2.63
CA ALA D 51 -34.56 31.13 3.63
C ALA D 51 -33.52 32.08 4.22
N ARG D 52 -32.29 31.61 4.41
CA ARG D 52 -31.26 32.50 4.90
C ARG D 52 -30.56 33.25 3.78
N GLY D 53 -30.96 33.03 2.52
CA GLY D 53 -30.44 33.78 1.40
C GLY D 53 -29.43 33.08 0.52
N ASP D 54 -29.16 31.79 0.74
CA ASP D 54 -28.22 31.09 -0.15
C ASP D 54 -28.70 31.15 -1.59
N ASP D 55 -27.80 31.52 -2.48
CA ASP D 55 -28.10 31.54 -3.91
C ASP D 55 -26.75 31.40 -4.61
N ASP D 56 -26.34 30.15 -4.83
CA ASP D 56 -25.02 29.94 -5.39
C ASP D 56 -24.94 30.44 -6.82
N LEU D 57 -26.02 30.29 -7.60
CA LEU D 57 -25.98 30.82 -8.96
C LEU D 57 -25.78 32.33 -8.95
N ALA D 58 -26.42 33.05 -8.03
CA ALA D 58 -26.24 34.49 -7.99
C ALA D 58 -24.82 34.86 -7.60
N GLU D 59 -24.21 34.08 -6.71
CA GLU D 59 -22.80 34.30 -6.38
C GLU D 59 -21.94 34.17 -7.64
N VAL D 60 -22.18 33.12 -8.41
CA VAL D 60 -21.45 32.92 -9.65
C VAL D 60 -21.70 34.08 -10.60
N GLY D 61 -22.96 34.49 -10.73
CA GLY D 61 -23.27 35.61 -11.60
C GLY D 61 -22.55 36.87 -11.20
N ARG D 62 -22.50 37.16 -9.90
CA ARG D 62 -21.92 38.42 -9.43
C ARG D 62 -20.40 38.40 -9.53
N LEU D 63 -19.78 37.25 -9.24
CA LEU D 63 -18.32 37.19 -9.18
C LEU D 63 -17.71 37.04 -10.57
N ALA D 64 -18.36 36.26 -11.43
CA ALA D 64 -17.79 35.93 -12.73
C ALA D 64 -18.60 36.46 -13.90
N GLY D 65 -19.78 37.03 -13.66
CA GLY D 65 -20.56 37.60 -14.73
C GLY D 65 -21.27 36.61 -15.62
N VAL D 66 -21.25 35.31 -15.28
CA VAL D 66 -22.04 34.34 -16.03
C VAL D 66 -23.51 34.77 -16.04
N THR D 67 -24.16 34.62 -17.18
CA THR D 67 -25.59 34.86 -17.28
C THR D 67 -26.40 33.59 -17.50
N GLN D 68 -25.81 32.56 -18.08
CA GLN D 68 -26.50 31.28 -18.28
C GLN D 68 -26.35 30.51 -16.97
N LEU D 69 -27.33 30.70 -16.10
CA LEU D 69 -27.33 30.21 -14.73
C LEU D 69 -28.66 29.48 -14.58
N ALA D 70 -28.61 28.16 -14.51
CA ALA D 70 -29.80 27.34 -14.64
C ALA D 70 -30.01 26.53 -13.37
N GLY D 71 -31.24 26.54 -12.86
CA GLY D 71 -31.57 25.79 -11.68
C GLY D 71 -32.97 25.21 -11.84
N LEU D 72 -33.25 24.18 -11.04
CA LEU D 72 -34.51 23.47 -11.10
C LEU D 72 -35.34 23.55 -9.84
N ALA D 73 -34.71 23.65 -8.67
CA ALA D 73 -35.47 23.55 -7.44
C ALA D 73 -34.78 24.37 -6.37
N ARG D 74 -35.58 24.92 -5.47
CA ARG D 74 -35.06 25.72 -4.35
C ARG D 74 -35.82 25.34 -3.10
N TYR D 75 -35.09 25.09 -2.03
CA TYR D 75 -35.67 24.67 -0.76
C TYR D 75 -35.18 25.58 0.35
N PRO D 76 -36.07 26.01 1.25
CA PRO D 76 -35.67 27.05 2.22
C PRO D 76 -34.68 26.57 3.28
N GLN D 77 -34.85 25.35 3.77
CA GLN D 77 -34.05 24.90 4.90
C GLN D 77 -32.60 24.73 4.49
N PRO D 78 -31.65 25.10 5.35
CA PRO D 78 -30.22 24.87 5.08
C PRO D 78 -29.87 23.43 5.44
N MET D 79 -30.31 22.53 4.57
CA MET D 79 -30.10 21.12 4.78
C MET D 79 -29.66 20.51 3.45
N ALA D 80 -29.18 19.27 3.53
CA ALA D 80 -28.94 18.48 2.34
C ALA D 80 -30.23 18.49 1.52
N PRO D 81 -30.14 18.44 0.19
CA PRO D 81 -31.36 18.46 -0.63
C PRO D 81 -32.47 17.52 -0.18
N ALA D 82 -32.17 16.24 0.04
CA ALA D 82 -33.20 15.29 0.41
C ALA D 82 -33.90 15.72 1.69
N ALA D 83 -33.14 16.21 2.66
CA ALA D 83 -33.73 16.63 3.94
C ALA D 83 -34.49 17.94 3.79
N ALA D 84 -33.92 18.90 3.08
CA ALA D 84 -34.65 20.13 2.76
C ALA D 84 -35.95 19.82 2.04
N ALA D 85 -35.93 18.86 1.11
CA ALA D 85 -37.15 18.51 0.39
C ALA D 85 -38.15 17.88 1.34
N GLU D 86 -37.68 16.94 2.15
CA GLU D 86 -38.55 16.24 3.08
C GLU D 86 -39.19 17.20 4.07
N HIS D 87 -38.42 18.16 4.58
CA HIS D 87 -38.97 19.17 5.47
C HIS D 87 -40.06 19.98 4.79
N ALA D 88 -39.82 20.39 3.53
CA ALA D 88 -40.82 21.15 2.80
C ALA D 88 -41.98 20.30 2.34
N GLY D 89 -41.89 18.98 2.49
CA GLY D 89 -42.95 18.10 2.05
C GLY D 89 -43.10 18.06 0.55
N MET D 90 -42.02 18.28 -0.20
CA MET D 90 -42.04 18.14 -1.65
C MET D 90 -40.82 17.34 -2.08
N ALA D 91 -40.97 16.67 -3.22
CA ALA D 91 -39.91 15.83 -3.75
C ALA D 91 -38.79 16.66 -4.36
N LEU D 92 -37.63 16.04 -4.48
CA LEU D 92 -36.56 16.55 -5.29
C LEU D 92 -36.96 16.47 -6.77
N PRO D 93 -36.26 17.19 -7.64
CA PRO D 93 -36.49 17.01 -9.09
C PRO D 93 -36.21 15.57 -9.51
N ALA D 94 -36.71 15.20 -10.68
CA ALA D 94 -36.45 13.86 -11.19
C ALA D 94 -35.08 13.79 -11.86
N ARG D 95 -34.55 12.57 -11.96
CA ARG D 95 -33.29 12.34 -12.66
C ARG D 95 -33.33 12.93 -14.08
N ASP D 96 -34.39 12.59 -14.81
CA ASP D 96 -34.75 13.19 -16.10
C ASP D 96 -34.39 14.66 -16.17
N GLN D 97 -35.00 15.43 -15.26
CA GLN D 97 -34.91 16.88 -15.32
C GLN D 97 -33.46 17.35 -15.26
N ILE D 98 -32.65 16.76 -14.38
CA ILE D 98 -31.29 17.25 -14.20
C ILE D 98 -30.46 16.98 -15.44
N VAL D 99 -30.43 15.73 -15.91
N VAL D 99 -30.45 15.72 -15.88
CA VAL D 99 -29.55 15.42 -17.02
CA VAL D 99 -29.63 15.31 -17.01
C VAL D 99 -30.00 16.14 -18.28
C VAL D 99 -30.01 16.07 -18.27
N ARG D 100 -31.31 16.20 -18.51
CA ARG D 100 -31.81 16.89 -19.70
C ARG D 100 -31.51 18.38 -19.66
N LEU D 101 -31.66 19.00 -18.49
CA LEU D 101 -31.30 20.41 -18.39
C LEU D 101 -29.84 20.62 -18.74
N ILE D 102 -28.96 19.75 -18.23
CA ILE D 102 -27.55 19.86 -18.54
C ILE D 102 -27.29 19.62 -20.02
N ALA D 103 -27.94 18.60 -20.60
CA ALA D 103 -27.78 18.32 -22.02
C ALA D 103 -28.26 19.49 -22.86
N ASP D 104 -29.31 20.16 -22.41
CA ASP D 104 -29.84 21.31 -23.15
C ASP D 104 -28.90 22.50 -23.08
N LEU D 105 -28.23 22.69 -21.94
CA LEU D 105 -27.29 23.80 -21.80
C LEU D 105 -26.03 23.60 -22.63
N ASP D 106 -25.64 22.35 -22.79
CA ASP D 106 -24.37 22.03 -23.43
C ASP D 106 -24.40 22.42 -24.90
N ARG D 107 -23.32 23.04 -25.37
CA ARG D 107 -23.21 23.39 -26.78
C ARG D 107 -21.74 23.54 -27.14
N PRO D 108 -21.38 23.41 -28.42
CA PRO D 108 -19.97 23.54 -28.80
C PRO D 108 -19.40 24.89 -28.38
N GLY D 109 -18.17 24.86 -27.85
CA GLY D 109 -17.53 26.07 -27.41
C GLY D 109 -17.93 26.54 -26.04
N ARG D 110 -18.81 25.83 -25.36
CA ARG D 110 -19.30 26.24 -24.04
C ARG D 110 -18.76 25.30 -22.98
N LEU D 111 -18.33 25.88 -21.87
CA LEU D 111 -17.98 25.14 -20.67
C LEU D 111 -19.21 25.18 -19.77
N THR D 112 -19.87 24.05 -19.61
CA THR D 112 -21.03 23.96 -18.73
C THR D 112 -20.59 23.34 -17.41
N LEU D 113 -20.53 24.16 -16.37
CA LEU D 113 -20.18 23.69 -15.04
C LEU D 113 -21.44 23.25 -14.32
N VAL D 114 -21.35 22.14 -13.62
CA VAL D 114 -22.49 21.58 -12.90
C VAL D 114 -22.14 21.53 -11.43
N GLU D 115 -22.95 22.21 -10.63
CA GLU D 115 -22.74 22.28 -9.20
C GLU D 115 -23.84 21.48 -8.50
N GLY D 116 -23.45 20.53 -7.66
CA GLY D 116 -24.42 19.83 -6.86
C GLY D 116 -24.67 20.56 -5.55
N ALA D 117 -24.71 19.79 -4.46
CA ALA D 117 -24.82 20.35 -3.13
C ALA D 117 -24.02 19.43 -2.23
N GLY D 118 -23.27 20.03 -1.32
CA GLY D 118 -22.42 19.23 -0.45
C GLY D 118 -21.43 18.42 -1.26
N GLY D 119 -21.13 17.22 -0.77
CA GLY D 119 -20.15 16.36 -1.39
C GLY D 119 -20.73 15.54 -2.52
N LEU D 120 -19.92 14.57 -2.97
CA LEU D 120 -20.21 13.87 -4.22
C LEU D 120 -21.42 12.96 -4.10
N LEU D 121 -21.56 12.24 -2.99
CA LEU D 121 -22.60 11.23 -2.82
C LEU D 121 -23.88 11.79 -2.20
N VAL D 122 -24.16 13.06 -2.41
CA VAL D 122 -25.36 13.67 -1.87
C VAL D 122 -26.50 13.47 -2.87
N GLU D 123 -27.64 13.00 -2.39
CA GLU D 123 -28.79 12.85 -3.24
C GLU D 123 -29.25 14.20 -3.78
N LEU D 124 -29.37 14.31 -5.10
CA LEU D 124 -29.86 15.51 -5.75
C LEU D 124 -31.21 15.34 -6.41
N ALA D 125 -31.58 14.12 -6.79
CA ALA D 125 -32.79 13.86 -7.56
C ALA D 125 -33.42 12.56 -7.12
N GLU D 126 -34.70 12.37 -7.51
CA GLU D 126 -35.64 11.55 -6.75
C GLU D 126 -35.10 10.16 -6.44
N PRO D 127 -34.79 9.30 -7.42
CA PRO D 127 -34.36 7.98 -6.94
C PRO D 127 -32.85 7.93 -6.68
N GLY D 128 -32.44 8.50 -5.55
CA GLY D 128 -31.07 8.46 -5.05
C GLY D 128 -30.01 8.91 -6.03
N VAL D 129 -30.37 9.86 -6.87
CA VAL D 129 -29.46 10.33 -7.92
C VAL D 129 -28.42 11.21 -7.27
N THR D 130 -27.15 10.96 -7.60
CA THR D 130 -26.06 11.78 -7.11
C THR D 130 -25.42 12.53 -8.26
N LEU D 131 -24.57 13.47 -7.88
CA LEU D 131 -23.80 14.19 -8.88
C LEU D 131 -22.85 13.24 -9.63
N ARG D 132 -22.42 12.16 -8.97
CA ARG D 132 -21.59 11.18 -9.68
C ARG D 132 -22.40 10.47 -10.78
N ASP D 133 -23.65 10.09 -10.48
CA ASP D 133 -24.52 9.54 -11.51
C ASP D 133 -24.68 10.50 -12.67
N VAL D 134 -24.90 11.78 -12.37
CA VAL D 134 -25.07 12.76 -13.43
C VAL D 134 -23.83 12.82 -14.29
N ALA D 135 -22.65 12.82 -13.65
CA ALA D 135 -21.40 12.91 -14.40
C ALA D 135 -21.25 11.76 -15.38
N VAL D 136 -21.50 10.52 -14.92
CA VAL D 136 -21.41 9.36 -15.82
C VAL D 136 -22.42 9.50 -16.94
N ASP D 137 -23.65 9.89 -16.60
CA ASP D 137 -24.76 9.86 -17.55
C ASP D 137 -24.59 10.87 -18.66
N VAL D 138 -23.87 11.96 -18.42
CA VAL D 138 -23.63 12.97 -19.45
C VAL D 138 -22.17 13.00 -19.85
N ALA D 139 -21.36 12.07 -19.35
CA ALA D 139 -19.95 11.94 -19.74
C ALA D 139 -19.16 13.17 -19.33
N ALA D 140 -19.39 13.64 -18.10
CA ALA D 140 -18.69 14.76 -17.52
C ALA D 140 -17.57 14.27 -16.61
N ALA D 141 -16.41 14.92 -16.68
CA ALA D 141 -15.40 14.76 -15.64
C ALA D 141 -15.83 15.55 -14.41
N ALA D 142 -15.05 15.41 -13.33
CA ALA D 142 -15.37 16.03 -12.05
C ALA D 142 -14.15 16.79 -11.52
N LEU D 143 -14.31 18.08 -11.30
CA LEU D 143 -13.35 18.87 -10.56
C LEU D 143 -13.73 18.79 -9.08
N VAL D 144 -12.75 18.57 -8.22
CA VAL D 144 -13.01 18.31 -6.83
C VAL D 144 -12.42 19.46 -6.00
N VAL D 145 -13.28 20.17 -5.29
CA VAL D 145 -12.86 21.25 -4.42
C VAL D 145 -12.55 20.67 -3.05
N VAL D 146 -11.37 21.00 -2.52
CA VAL D 146 -10.88 20.51 -1.25
C VAL D 146 -10.49 21.69 -0.37
N THR D 147 -10.42 21.42 0.94
CA THR D 147 -9.82 22.36 1.88
C THR D 147 -8.34 22.03 2.08
N ALA D 148 -7.62 22.98 2.66
CA ALA D 148 -6.26 22.73 3.14
C ALA D 148 -6.23 22.33 4.62
N ASP D 149 -7.39 22.02 5.21
CA ASP D 149 -7.52 21.83 6.64
C ASP D 149 -7.28 20.39 7.05
N LEU D 150 -7.02 20.20 8.36
CA LEU D 150 -7.00 18.87 8.94
C LEU D 150 -8.23 18.09 8.53
N GLY D 151 -8.03 16.90 7.99
CA GLY D 151 -9.11 16.06 7.52
C GLY D 151 -9.22 16.00 6.01
N THR D 152 -8.60 16.94 5.30
CA THR D 152 -8.81 17.00 3.86
C THR D 152 -8.23 15.78 3.15
N LEU D 153 -7.16 15.18 3.69
CA LEU D 153 -6.52 14.08 2.97
C LEU D 153 -7.45 12.88 2.88
N ASN D 154 -8.03 12.49 4.00
CA ASN D 154 -8.99 11.38 3.99
C ASN D 154 -10.19 11.70 3.10
N HIS D 155 -10.76 12.91 3.23
CA HIS D 155 -11.95 13.24 2.45
C HIS D 155 -11.64 13.31 0.96
N THR D 156 -10.45 13.82 0.62
CA THR D 156 -10.07 13.88 -0.79
C THR D 156 -9.87 12.48 -1.36
N LYS D 157 -9.18 11.61 -0.63
CA LYS D 157 -8.99 10.26 -1.12
C LYS D 157 -10.31 9.51 -1.23
N LEU D 158 -11.20 9.69 -0.25
CA LEU D 158 -12.52 9.06 -0.33
C LEU D 158 -13.27 9.51 -1.57
N THR D 159 -13.17 10.81 -1.89
CA THR D 159 -13.92 11.36 -3.01
C THR D 159 -13.35 10.87 -4.33
N LEU D 160 -12.02 10.91 -4.46
CA LEU D 160 -11.39 10.46 -5.69
C LEU D 160 -11.63 8.97 -5.91
N GLU D 161 -11.63 8.18 -4.83
CA GLU D 161 -11.94 6.76 -4.99
C GLU D 161 -13.36 6.57 -5.50
N ALA D 162 -14.29 7.37 -4.98
CA ALA D 162 -15.67 7.24 -5.41
C ALA D 162 -15.85 7.63 -6.87
N LEU D 163 -15.08 8.62 -7.33
CA LEU D 163 -15.11 8.98 -8.75
C LEU D 163 -14.58 7.83 -9.61
N ALA D 164 -13.40 7.31 -9.27
CA ALA D 164 -12.79 6.26 -10.08
C ALA D 164 -13.60 4.98 -10.07
N ALA D 165 -14.41 4.77 -9.01
CA ALA D 165 -15.23 3.57 -8.93
C ALA D 165 -16.31 3.54 -10.00
N GLN D 166 -16.73 4.71 -10.50
CA GLN D 166 -17.68 4.74 -11.61
C GLN D 166 -17.05 5.34 -12.87
N GLN D 167 -15.72 5.29 -12.95
CA GLN D 167 -14.97 5.80 -14.11
C GLN D 167 -15.40 7.22 -14.48
N VAL D 168 -15.63 8.04 -13.47
CA VAL D 168 -15.73 9.49 -13.67
C VAL D 168 -14.33 10.06 -13.56
N SER D 169 -13.87 10.65 -14.66
CA SER D 169 -12.53 11.20 -14.66
C SER D 169 -12.44 12.37 -13.69
N CYS D 170 -11.29 12.50 -13.05
CA CYS D 170 -11.05 13.61 -12.14
C CYS D 170 -10.28 14.69 -12.90
N ALA D 171 -10.92 15.82 -13.12
CA ALA D 171 -10.26 16.95 -13.77
C ALA D 171 -9.20 17.59 -12.90
N GLY D 172 -9.14 17.24 -11.63
CA GLY D 172 -8.17 17.76 -10.70
C GLY D 172 -8.81 18.26 -9.43
N LEU D 173 -8.00 18.95 -8.64
CA LEU D 173 -8.40 19.51 -7.35
C LEU D 173 -8.27 21.03 -7.39
N VAL D 174 -9.16 21.69 -6.67
CA VAL D 174 -9.00 23.11 -6.33
C VAL D 174 -9.10 23.25 -4.82
N ILE D 175 -8.07 23.85 -4.22
CA ILE D 175 -8.16 24.24 -2.83
C ILE D 175 -9.07 25.46 -2.74
N GLY D 176 -10.20 25.30 -2.03
CA GLY D 176 -11.21 26.35 -2.00
C GLY D 176 -10.77 27.61 -1.29
N SER D 177 -9.90 27.49 -0.29
CA SER D 177 -9.41 28.64 0.45
C SER D 177 -7.96 28.36 0.86
N TRP D 178 -7.04 29.18 0.37
CA TRP D 178 -5.62 28.98 0.68
C TRP D 178 -5.15 30.06 1.63
N PRO D 179 -4.71 29.73 2.84
CA PRO D 179 -4.31 30.77 3.80
C PRO D 179 -2.98 31.42 3.43
N ASP D 180 -2.82 32.67 3.87
CA ASP D 180 -1.59 33.42 3.66
C ASP D 180 -1.20 34.14 4.94
N PRO D 181 -0.14 33.69 5.63
CA PRO D 181 0.65 32.51 5.26
C PRO D 181 0.02 31.22 5.77
N PRO D 182 0.31 30.10 5.11
CA PRO D 182 -0.25 28.82 5.54
C PRO D 182 0.45 28.28 6.79
N GLY D 183 -0.33 27.67 7.68
CA GLY D 183 0.25 27.00 8.82
C GLY D 183 0.94 25.71 8.41
N LEU D 184 1.47 25.01 9.42
CA LEU D 184 2.12 23.73 9.16
C LEU D 184 1.18 22.75 8.47
N VAL D 185 -0.06 22.66 8.95
CA VAL D 185 -0.97 21.67 8.39
C VAL D 185 -1.34 22.02 6.95
N ALA D 186 -1.64 23.29 6.68
CA ALA D 186 -2.00 23.72 5.34
C ALA D 186 -0.87 23.47 4.34
N ALA D 187 0.36 23.80 4.72
CA ALA D 187 1.49 23.55 3.84
C ALA D 187 1.67 22.07 3.60
N SER D 188 1.66 21.27 4.66
CA SER D 188 1.82 19.83 4.50
C SER D 188 0.69 19.25 3.64
N ASN D 189 -0.55 19.69 3.90
CA ASN D 189 -1.68 19.16 3.15
C ASN D 189 -1.57 19.49 1.67
N ARG D 190 -1.20 20.73 1.34
CA ARG D 190 -1.12 21.06 -0.08
C ARG D 190 -0.09 20.19 -0.79
N SER D 191 1.08 19.98 -0.17
CA SER D 191 2.06 19.06 -0.75
C SER D 191 1.48 17.67 -0.96
N ALA D 192 0.77 17.16 0.05
CA ALA D 192 0.19 15.82 -0.05
C ALA D 192 -0.94 15.76 -1.07
N LEU D 193 -1.72 16.82 -1.21
CA LEU D 193 -2.78 16.81 -2.22
C LEU D 193 -2.19 16.77 -3.62
N ALA D 194 -1.11 17.52 -3.86
CA ALA D 194 -0.48 17.53 -5.18
C ALA D 194 0.03 16.15 -5.57
N ARG D 195 0.35 15.30 -4.60
CA ARG D 195 0.73 13.93 -4.85
C ARG D 195 -0.48 13.04 -5.14
N ILE D 196 -1.67 13.44 -4.71
CA ILE D 196 -2.87 12.65 -4.97
C ILE D 196 -3.47 12.97 -6.34
N ALA D 197 -3.33 14.22 -6.80
CA ALA D 197 -3.97 14.68 -8.03
C ALA D 197 -3.40 16.03 -8.41
N MET D 198 -3.73 16.48 -9.61
CA MET D 198 -3.34 17.81 -10.06
C MET D 198 -4.10 18.86 -9.26
N VAL D 199 -3.38 19.76 -8.59
CA VAL D 199 -3.98 20.90 -7.93
C VAL D 199 -4.07 22.01 -8.96
N ARG D 200 -5.27 22.24 -9.49
CA ARG D 200 -5.46 23.20 -10.56
C ARG D 200 -5.35 24.63 -10.07
N ALA D 201 -5.83 24.90 -8.86
CA ALA D 201 -5.77 26.23 -8.26
C ALA D 201 -5.86 26.09 -6.76
N ALA D 202 -5.41 27.13 -6.07
CA ALA D 202 -5.64 27.29 -4.63
C ALA D 202 -6.15 28.71 -4.48
N LEU D 203 -7.46 28.86 -4.29
CA LEU D 203 -8.03 30.18 -4.27
C LEU D 203 -7.55 30.92 -3.03
N PRO D 204 -7.04 32.15 -3.18
CA PRO D 204 -6.65 32.94 -2.00
C PRO D 204 -7.81 33.02 -1.01
N ALA D 205 -7.47 32.92 0.26
CA ALA D 205 -8.48 33.09 1.30
C ALA D 205 -9.25 34.38 1.07
N GLY D 206 -10.55 34.33 1.32
CA GLY D 206 -11.38 35.50 1.14
C GLY D 206 -11.69 35.87 -0.29
N ALA D 207 -11.39 35.00 -1.25
CA ALA D 207 -11.73 35.30 -2.64
C ALA D 207 -13.22 35.59 -2.84
N ALA D 208 -14.08 35.01 -2.00
CA ALA D 208 -15.52 35.20 -2.18
C ALA D 208 -15.96 36.63 -1.90
N SER D 209 -15.17 37.40 -1.16
CA SER D 209 -15.52 38.79 -0.88
C SER D 209 -14.87 39.79 -1.85
N LEU D 210 -14.21 39.31 -2.89
CA LEU D 210 -13.64 40.21 -3.89
C LEU D 210 -14.75 40.79 -4.75
N ASP D 211 -14.53 42.03 -5.21
CA ASP D 211 -15.40 42.59 -6.24
C ASP D 211 -15.14 41.87 -7.57
N ALA D 212 -16.04 42.08 -8.52
CA ALA D 212 -15.93 41.39 -9.81
C ALA D 212 -14.57 41.64 -10.46
N GLY D 213 -14.07 42.87 -10.37
CA GLY D 213 -12.78 43.18 -10.94
C GLY D 213 -11.68 42.37 -10.29
N ASP D 214 -11.55 42.53 -8.97
CA ASP D 214 -10.55 41.77 -8.22
C ASP D 214 -10.75 40.28 -8.38
N PHE D 215 -12.00 39.80 -8.34
CA PHE D 215 -12.23 38.37 -8.46
C PHE D 215 -11.77 37.85 -9.82
N ALA D 216 -12.01 38.62 -10.89
CA ALA D 216 -11.59 38.15 -12.21
C ALA D 216 -10.06 38.10 -12.31
N ALA D 217 -9.39 39.12 -11.78
CA ALA D 217 -7.93 39.10 -11.74
C ALA D 217 -7.43 37.92 -10.92
N MET D 218 -8.04 37.69 -9.76
CA MET D 218 -7.71 36.51 -8.96
C MET D 218 -7.88 35.23 -9.76
N SER D 219 -9.03 35.08 -10.42
CA SER D 219 -9.35 33.82 -11.10
C SER D 219 -8.38 33.57 -12.26
N ALA D 220 -8.06 34.60 -13.04
CA ALA D 220 -7.08 34.45 -14.11
C ALA D 220 -5.71 34.08 -13.57
N ALA D 221 -5.35 34.59 -12.39
CA ALA D 221 -4.06 34.23 -11.79
C ALA D 221 -4.10 32.84 -11.17
N ALA D 222 -5.28 32.39 -10.73
CA ALA D 222 -5.37 31.15 -9.95
C ALA D 222 -5.17 29.89 -10.79
N PHE D 223 -5.58 29.92 -12.06
CA PHE D 223 -5.57 28.75 -12.90
C PHE D 223 -4.52 28.90 -14.01
N ASP D 224 -3.96 27.78 -14.43
CA ASP D 224 -3.16 27.77 -15.64
C ASP D 224 -4.05 28.05 -16.84
N ARG D 225 -3.76 29.15 -17.56
CA ARG D 225 -4.59 29.53 -18.69
C ARG D 225 -4.65 28.42 -19.72
N ASN D 226 -3.53 27.73 -19.96
CA ASN D 226 -3.53 26.63 -20.93
C ASN D 226 -4.46 25.51 -20.49
N TRP D 227 -4.46 25.17 -19.21
CA TRP D 227 -5.40 24.15 -18.74
C TRP D 227 -6.84 24.61 -18.96
N VAL D 228 -7.13 25.87 -18.59
CA VAL D 228 -8.48 26.41 -18.77
C VAL D 228 -8.89 26.38 -20.24
N ALA D 229 -8.10 27.00 -21.11
CA ALA D 229 -8.40 26.97 -22.54
C ALA D 229 -8.50 25.55 -23.07
N GLY D 230 -7.74 24.62 -22.48
CA GLY D 230 -7.78 23.23 -22.92
C GLY D 230 -9.07 22.51 -22.58
N LEU D 231 -9.83 23.00 -21.58
CA LEU D 231 -11.09 22.35 -21.25
C LEU D 231 -12.06 22.43 -22.42
N VAL D 232 -12.00 23.54 -23.16
CA VAL D 232 -12.72 23.76 -24.41
C VAL D 232 -14.20 23.49 -24.28
C10 L4M E . 14.89 -17.99 -17.20
C13 L4M E . 15.78 -19.50 -18.97
C01 L4M E . 16.49 -13.65 -14.93
C02 L4M E . 17.60 -14.44 -14.27
C03 L4M E . 17.84 -15.90 -14.59
C04 L4M E . 16.94 -16.57 -15.59
C05 L4M E . 15.80 -15.80 -16.26
C06 L4M E . 15.58 -14.33 -15.93
C07 L4M E . 14.88 -16.44 -17.29
C08 L4M E . 12.73 -18.99 -16.76
C11 L4M E . 13.79 -18.49 -17.79
C14 L4M E . 14.31 -19.83 -18.58
C09 L4M E . 12.06 -17.85 -16.01
C12 L4M E . 16.22 -18.54 -18.08
C17 L4M E . 18.45 -13.73 -13.24
O15 L4M E . 12.35 -17.67 -14.79
O16 L4M E . 11.19 -17.13 -16.56
O18 L4M E . 17.92 -12.77 -12.63
O19 L4M E . 19.63 -14.14 -12.99
S SO4 F . 9.04 -20.23 -13.93
O1 SO4 F . 10.36 -20.08 -14.55
O2 SO4 F . 8.01 -20.02 -14.95
O3 SO4 F . 8.85 -21.55 -13.34
O4 SO4 F . 8.92 -19.21 -12.89
C10 L4M G . 19.13 -20.52 7.31
C13 L4M G . 19.08 -22.53 8.77
C01 L4M G . 15.69 -16.80 6.27
C02 L4M G . 14.98 -17.76 5.34
C03 L4M G . 15.43 -19.18 5.18
C04 L4M G . 16.61 -19.68 6.01
C05 L4M G . 17.33 -18.73 6.97
C06 L4M G . 16.87 -17.29 7.09
C07 L4M G . 18.52 -19.20 7.80
C08 L4M G . 21.47 -20.35 6.70
C11 L4M G . 20.37 -20.63 7.79
C14 L4M G . 20.51 -22.20 8.24
C09 L4M G . 21.52 -18.87 6.35
C12 L4M G . 18.23 -21.77 7.99
C17 L4M G . 13.84 -17.24 4.50
O15 L4M G . 22.01 -18.03 7.14
O16 L4M G . 21.07 -18.49 5.24
O18 L4M G . 13.89 -16.02 4.21
O19 L4M G . 12.94 -18.01 4.06
S SO4 H . 25.17 -19.06 4.00
O1 SO4 H . 24.80 -17.92 3.12
O2 SO4 H . 23.98 -19.71 4.53
O3 SO4 H . 25.91 -20.00 3.14
O4 SO4 H . 26.04 -18.65 5.09
C10 L4M I . -5.83 13.69 14.01
C13 L4M I . -4.87 15.37 15.57
C01 L4M I . -5.84 12.24 9.10
C02 L4M I . -6.10 13.67 8.64
C03 L4M I . -6.03 14.83 9.63
C04 L4M I . -5.71 14.53 11.09
C05 L4M I . -5.46 13.10 11.54
C06 L4M I . -5.52 11.95 10.55
C07 L4M I . -5.12 12.76 12.99
C08 L4M I . -7.39 12.93 15.66
C11 L4M I . -5.92 13.07 15.17
C14 L4M I . -5.13 14.01 16.28
C09 L4M I . -8.03 11.80 14.88
C12 L4M I . -4.85 15.06 14.23
C17 L4M I . -6.45 13.93 7.20
O15 L4M I . -7.70 10.61 15.13
O16 L4M I . -8.87 12.08 14.00
O18 L4M I . -6.16 15.02 6.63
O19 L4M I . -7.09 13.03 6.59
S SO4 J . -11.61 11.44 17.30
O1 SO4 J . -12.51 12.33 18.03
O2 SO4 J . -12.37 10.91 16.15
O3 SO4 J . -11.17 10.35 18.18
O4 SO4 J . -10.44 12.12 16.80
C10 L4M K . -25.32 22.56 2.25
C13 L4M K . -26.82 24.25 3.36
C01 L4M K . -25.04 17.42 1.81
C02 L4M K . -24.82 17.31 3.30
C03 L4M K . -24.91 18.53 4.21
C04 L4M K . -25.24 19.88 3.61
C05 L4M K . -25.48 19.99 2.11
C06 L4M K . -25.39 18.78 1.21
C07 L4M K . -25.80 21.34 1.44
C08 L4M K . -23.77 24.05 1.10
C11 L4M K . -25.24 23.62 1.44
C14 L4M K . -25.94 24.88 2.23
C09 L4M K . -23.11 23.03 0.18
C12 L4M K . -26.56 22.89 3.36
C17 L4M K . -24.46 15.96 3.89
O15 L4M K . -22.23 22.27 0.64
O16 L4M K . -23.43 22.95 -1.04
O18 L4M K . -23.88 15.13 3.15
O19 L4M K . -24.71 15.75 5.09
S SO4 L . -19.48 25.35 -0.60
O1 SO4 L . -19.93 25.93 -1.86
O2 SO4 L . -20.64 24.96 0.18
O3 SO4 L . -18.65 24.16 -0.84
O4 SO4 L . -18.66 26.31 0.12
#